data_5V4U
#
_entry.id   5V4U
#
_entity_poly.entity_id   1
_entity_poly.type   'polypeptide(L)'
_entity_poly.pdbx_seq_one_letter_code
;GSVKKLNDEVALERLKNERHVHDEEVELERLKNERHDHDY
;
_entity_poly.pdbx_strand_id   A
#
# COMPACT_ATOMS: atom_id res chain seq x y z
N GLY A 1 9.91 28.29 -13.33
CA GLY A 1 11.01 29.22 -12.95
C GLY A 1 10.91 29.56 -11.47
N SER A 2 10.32 30.71 -11.17
CA SER A 2 10.16 31.13 -9.78
C SER A 2 9.31 30.13 -9.00
N VAL A 3 8.22 29.69 -9.61
CA VAL A 3 7.32 28.74 -8.97
C VAL A 3 7.88 27.32 -9.07
N LYS A 4 9.01 27.17 -9.76
CA LYS A 4 9.63 25.87 -9.92
C LYS A 4 8.60 24.85 -10.39
N LYS A 5 8.31 23.85 -9.56
CA LYS A 5 7.34 22.81 -9.89
C LYS A 5 6.38 22.58 -8.72
N LEU A 6 5.08 22.37 -9.00
CA LEU A 6 4.10 22.13 -7.95
C LEU A 6 3.54 20.72 -8.07
N ASN A 7 3.75 20.10 -9.23
CA ASN A 7 3.25 18.75 -9.48
C ASN A 7 3.98 17.75 -8.59
N ASP A 8 5.12 18.18 -8.04
CA ASP A 8 5.90 17.31 -7.17
C ASP A 8 5.06 16.81 -5.99
N GLU A 9 4.09 17.62 -5.57
CA GLU A 9 3.23 17.25 -4.45
C GLU A 9 2.36 16.04 -4.83
N VAL A 10 1.84 16.05 -6.05
CA VAL A 10 1.01 14.97 -6.54
C VAL A 10 1.82 13.68 -6.64
N ALA A 11 3.08 13.81 -7.08
CA ALA A 11 3.94 12.66 -7.24
C ALA A 11 4.13 11.95 -5.90
N LEU A 12 4.33 12.72 -4.85
CA LEU A 12 4.52 12.15 -3.52
C LEU A 12 3.26 11.42 -3.07
N GLU A 13 2.10 12.00 -3.37
CA GLU A 13 0.84 11.39 -2.98
C GLU A 13 0.64 10.04 -3.67
N ARG A 14 1.03 9.98 -4.94
CA ARG A 14 0.88 8.75 -5.70
C ARG A 14 1.73 7.63 -5.09
N LEU A 15 2.93 7.98 -4.68
CA LEU A 15 3.84 6.99 -4.08
C LEU A 15 3.24 6.47 -2.77
N LYS A 16 2.60 7.36 -2.01
CA LYS A 16 1.99 6.97 -0.75
C LYS A 16 0.83 6.02 -1.00
N ASN A 17 0.05 6.28 -2.05
CA ASN A 17 -1.09 5.44 -2.38
C ASN A 17 -0.63 4.03 -2.70
N GLU A 18 0.46 3.92 -3.44
CA GLU A 18 0.98 2.61 -3.81
C GLU A 18 1.37 1.81 -2.57
N ARG A 19 2.02 2.48 -1.63
CA ARG A 19 2.44 1.81 -0.40
C ARG A 19 1.23 1.39 0.42
N HIS A 20 0.21 2.25 0.44
CA HIS A 20 -1.01 1.95 1.18
C HIS A 20 -1.67 0.69 0.68
N VAL A 21 -1.75 0.55 -0.65
CA VAL A 21 -2.36 -0.63 -1.24
C VAL A 21 -1.59 -1.88 -0.84
N HIS A 22 -0.26 -1.79 -0.88
CA HIS A 22 0.57 -2.92 -0.52
C HIS A 22 0.31 -3.34 0.93
N ASP A 23 0.11 -2.35 1.80
CA ASP A 23 -0.13 -2.64 3.21
C ASP A 23 -1.39 -3.49 3.38
N GLU A 24 -2.44 -3.13 2.64
CA GLU A 24 -3.70 -3.88 2.70
C GLU A 24 -3.51 -5.29 2.15
N GLU A 25 -2.72 -5.40 1.09
CA GLU A 25 -2.48 -6.70 0.46
C GLU A 25 -1.85 -7.68 1.44
N VAL A 26 -0.93 -7.17 2.27
CA VAL A 26 -0.27 -8.02 3.27
C VAL A 26 -1.25 -8.42 4.36
N GLU A 27 -2.10 -7.49 4.75
CA GLU A 27 -3.08 -7.77 5.80
C GLU A 27 -4.10 -8.82 5.35
N LEU A 28 -4.52 -8.72 4.09
CA LEU A 28 -5.48 -9.67 3.55
C LEU A 28 -4.90 -11.08 3.52
N GLU A 29 -3.58 -11.15 3.51
CA GLU A 29 -2.91 -12.45 3.48
C GLU A 29 -3.34 -13.30 4.67
N ARG A 30 -3.76 -12.65 5.74
CA ARG A 30 -4.19 -13.36 6.93
C ARG A 30 -5.35 -14.28 6.61
N LEU A 31 -6.28 -13.80 5.78
CA LEU A 31 -7.43 -14.61 5.40
C LEU A 31 -6.98 -15.86 4.66
N LYS A 32 -6.04 -15.70 3.75
CA LYS A 32 -5.54 -16.82 2.96
C LYS A 32 -4.87 -17.85 3.87
N ASN A 33 -4.22 -17.37 4.92
CA ASN A 33 -3.54 -18.26 5.87
C ASN A 33 -4.54 -19.18 6.56
N GLU A 34 -5.80 -18.78 6.58
CA GLU A 34 -6.83 -19.59 7.21
C GLU A 34 -6.87 -20.98 6.59
N ARG A 35 -6.46 -21.08 5.34
CA ARG A 35 -6.45 -22.36 4.63
C ARG A 35 -5.69 -23.41 5.43
N HIS A 36 -4.80 -22.95 6.31
CA HIS A 36 -4.01 -23.87 7.13
C HIS A 36 -4.92 -24.60 8.11
N ASP A 37 -6.03 -23.96 8.45
CA ASP A 37 -6.99 -24.55 9.39
C ASP A 37 -7.57 -25.84 8.79
N HIS A 38 -7.82 -25.84 7.49
CA HIS A 38 -8.38 -27.01 6.81
C HIS A 38 -7.28 -28.02 6.51
N ASP A 39 -6.06 -27.52 6.38
CA ASP A 39 -4.91 -28.39 6.08
C ASP A 39 -4.60 -29.28 7.28
N TYR A 40 -4.81 -28.75 8.49
CA TYR A 40 -4.54 -29.51 9.72
C TYR A 40 -5.80 -30.22 10.21
N GLY A 1 5.38 33.73 -12.28
CA GLY A 1 4.77 32.84 -13.32
C GLY A 1 4.15 31.62 -12.64
N SER A 2 4.72 30.45 -12.89
CA SER A 2 4.21 29.21 -12.30
C SER A 2 4.66 29.11 -10.85
N VAL A 3 3.70 28.89 -9.95
CA VAL A 3 3.99 28.76 -8.52
C VAL A 3 4.33 27.31 -8.19
N LYS A 4 3.99 26.40 -9.09
CA LYS A 4 4.26 24.98 -8.86
C LYS A 4 3.59 24.51 -7.57
N LYS A 5 4.41 24.29 -6.55
CA LYS A 5 3.90 23.85 -5.25
C LYS A 5 3.19 22.50 -5.40
N LEU A 6 2.78 21.90 -4.27
CA LEU A 6 2.09 20.64 -4.29
C LEU A 6 2.98 19.55 -4.85
N ASN A 7 4.21 19.93 -5.21
CA ASN A 7 5.15 18.97 -5.77
C ASN A 7 5.65 18.02 -4.69
N ASP A 8 5.71 18.51 -3.46
CA ASP A 8 6.15 17.69 -2.34
C ASP A 8 5.02 16.80 -1.83
N GLU A 9 3.84 17.38 -1.70
CA GLU A 9 2.68 16.64 -1.22
C GLU A 9 2.28 15.54 -2.20
N VAL A 10 2.36 15.84 -3.49
CA VAL A 10 2.01 14.87 -4.51
C VAL A 10 3.07 13.80 -4.60
N ALA A 11 4.33 14.20 -4.49
CA ALA A 11 5.45 13.25 -4.57
C ALA A 11 5.34 12.23 -3.43
N LEU A 12 5.00 12.71 -2.24
CA LEU A 12 4.87 11.84 -1.09
C LEU A 12 3.57 11.04 -1.17
N GLU A 13 2.58 11.61 -1.86
CA GLU A 13 1.29 10.96 -1.98
C GLU A 13 1.43 9.61 -2.70
N ARG A 14 2.12 9.61 -3.82
CA ARG A 14 2.32 8.39 -4.59
C ARG A 14 3.27 7.45 -3.86
N LEU A 15 4.29 8.04 -3.22
CA LEU A 15 5.25 7.24 -2.49
C LEU A 15 4.55 6.46 -1.37
N LYS A 16 3.59 7.12 -0.72
CA LYS A 16 2.87 6.48 0.38
C LYS A 16 1.81 5.53 -0.17
N ASN A 17 1.35 5.80 -1.38
CA ASN A 17 0.35 4.95 -2.00
C ASN A 17 0.89 3.55 -2.18
N GLU A 18 2.16 3.46 -2.55
CA GLU A 18 2.81 2.15 -2.76
C GLU A 18 2.80 1.35 -1.47
N ARG A 19 3.05 2.02 -0.36
CA ARG A 19 3.06 1.35 0.94
C ARG A 19 1.69 0.78 1.27
N HIS A 20 0.66 1.54 0.95
CA HIS A 20 -0.71 1.09 1.22
C HIS A 20 -1.03 -0.18 0.43
N VAL A 21 -0.55 -0.24 -0.81
CA VAL A 21 -0.79 -1.40 -1.64
C VAL A 21 -0.19 -2.66 -1.00
N HIS A 22 1.04 -2.54 -0.53
CA HIS A 22 1.72 -3.65 0.10
C HIS A 22 0.99 -4.09 1.36
N ASP A 23 0.48 -3.12 2.11
CA ASP A 23 -0.24 -3.41 3.35
C ASP A 23 -1.46 -4.27 3.06
N GLU A 24 -2.14 -3.93 1.97
CA GLU A 24 -3.33 -4.68 1.56
C GLU A 24 -2.96 -6.10 1.16
N GLU A 25 -1.82 -6.24 0.51
CA GLU A 25 -1.36 -7.55 0.07
C GLU A 25 -1.17 -8.48 1.27
N VAL A 26 -0.65 -7.93 2.36
CA VAL A 26 -0.43 -8.70 3.57
C VAL A 26 -1.76 -9.10 4.20
N GLU A 27 -2.71 -8.17 4.18
CA GLU A 27 -4.00 -8.42 4.79
C GLU A 27 -4.67 -9.62 4.14
N LEU A 28 -4.62 -9.67 2.82
CA LEU A 28 -5.22 -10.78 2.08
C LEU A 28 -4.47 -12.08 2.37
N GLU A 29 -3.18 -11.98 2.51
CA GLU A 29 -2.35 -13.16 2.79
C GLU A 29 -2.67 -13.71 4.17
N ARG A 30 -2.85 -12.81 5.13
CA ARG A 30 -3.14 -13.23 6.49
C ARG A 30 -4.48 -13.96 6.55
N LEU A 31 -5.46 -13.44 5.84
CA LEU A 31 -6.78 -14.06 5.82
C LEU A 31 -6.71 -15.45 5.20
N LYS A 32 -5.96 -15.56 4.13
CA LYS A 32 -5.82 -16.84 3.45
C LYS A 32 -5.05 -17.83 4.31
N ASN A 33 -4.04 -17.32 5.01
CA ASN A 33 -3.21 -18.17 5.85
C ASN A 33 -4.05 -18.81 6.96
N GLU A 34 -4.94 -18.02 7.55
CA GLU A 34 -5.80 -18.52 8.61
C GLU A 34 -6.76 -19.56 8.08
N ARG A 35 -7.29 -19.29 6.90
CA ARG A 35 -8.24 -20.22 6.27
C ARG A 35 -7.54 -21.54 5.92
N HIS A 36 -6.31 -21.44 5.46
CA HIS A 36 -5.53 -22.61 5.09
C HIS A 36 -5.28 -23.49 6.31
N ASP A 37 -5.03 -22.86 7.45
CA ASP A 37 -4.77 -23.57 8.68
C ASP A 37 -6.06 -24.06 9.32
N HIS A 38 -7.14 -23.30 9.10
CA HIS A 38 -8.43 -23.65 9.66
C HIS A 38 -9.05 -24.84 8.93
N ASP A 39 -8.66 -25.01 7.66
CA ASP A 39 -9.17 -26.11 6.85
C ASP A 39 -8.09 -27.15 6.63
N TYR A 40 -7.02 -27.07 7.41
CA TYR A 40 -5.92 -28.03 7.29
C TYR A 40 -5.53 -28.21 5.83
N GLY A 1 7.84 32.30 -6.30
CA GLY A 1 7.54 31.00 -6.97
C GLY A 1 8.34 30.92 -8.27
N SER A 2 9.44 30.18 -8.25
CA SER A 2 10.28 30.04 -9.44
C SER A 2 11.13 28.78 -9.34
N VAL A 3 10.84 27.94 -8.35
CA VAL A 3 11.59 26.70 -8.15
C VAL A 3 10.65 25.56 -7.77
N LYS A 4 11.20 24.48 -7.22
CA LYS A 4 10.40 23.33 -6.83
C LYS A 4 9.87 23.50 -5.41
N LYS A 5 10.33 22.64 -4.51
CA LYS A 5 9.89 22.69 -3.12
C LYS A 5 8.37 22.72 -3.07
N LEU A 6 7.73 22.11 -4.06
CA LEU A 6 6.27 22.07 -4.10
C LEU A 6 5.80 20.87 -4.90
N ASN A 7 6.40 20.66 -6.06
CA ASN A 7 6.03 19.55 -6.91
C ASN A 7 6.28 18.22 -6.21
N ASP A 8 7.37 18.16 -5.45
CA ASP A 8 7.73 16.94 -4.73
C ASP A 8 6.53 16.41 -3.96
N GLU A 9 5.51 17.23 -3.81
CA GLU A 9 4.31 16.81 -3.09
C GLU A 9 3.71 15.56 -3.72
N VAL A 10 3.85 15.42 -5.03
CA VAL A 10 3.33 14.27 -5.73
C VAL A 10 4.15 13.04 -5.39
N ALA A 11 5.44 13.23 -5.18
CA ALA A 11 6.33 12.11 -4.85
C ALA A 11 5.91 11.49 -3.52
N LEU A 12 5.57 12.35 -2.56
CA LEU A 12 5.15 11.88 -1.25
C LEU A 12 3.84 11.11 -1.35
N GLU A 13 2.93 11.60 -2.19
CA GLU A 13 1.65 10.95 -2.35
C GLU A 13 1.82 9.56 -2.94
N ARG A 14 2.74 9.44 -3.89
CA ARG A 14 2.98 8.15 -4.52
C ARG A 14 3.43 7.12 -3.49
N LEU A 15 4.34 7.53 -2.61
CA LEU A 15 4.86 6.63 -1.60
C LEU A 15 3.74 6.21 -0.66
N LYS A 16 2.84 7.12 -0.38
CA LYS A 16 1.72 6.82 0.51
C LYS A 16 0.82 5.77 -0.09
N ASN A 17 0.61 5.85 -1.41
CA ASN A 17 -0.23 4.89 -2.10
C ASN A 17 0.37 3.50 -2.02
N GLU A 18 1.68 3.43 -2.16
CA GLU A 18 2.39 2.15 -2.11
C GLU A 18 2.19 1.48 -0.76
N ARG A 19 2.28 2.28 0.29
CA ARG A 19 2.11 1.76 1.65
C ARG A 19 0.67 1.30 1.87
N HIS A 20 -0.29 2.06 1.36
CA HIS A 20 -1.70 1.73 1.54
C HIS A 20 -2.03 0.38 0.91
N VAL A 21 -1.65 0.22 -0.34
CA VAL A 21 -1.91 -1.03 -1.06
C VAL A 21 -1.11 -2.17 -0.45
N HIS A 22 0.06 -1.84 0.09
CA HIS A 22 0.92 -2.83 0.70
C HIS A 22 0.28 -3.38 1.98
N ASP A 23 -0.33 -2.48 2.76
CA ASP A 23 -0.97 -2.87 4.00
C ASP A 23 -2.13 -3.83 3.72
N GLU A 24 -2.87 -3.52 2.67
CA GLU A 24 -4.01 -4.36 2.28
C GLU A 24 -3.56 -5.72 1.77
N GLU A 25 -2.44 -5.72 1.06
CA GLU A 25 -1.88 -6.95 0.52
C GLU A 25 -1.49 -7.92 1.63
N VAL A 26 -0.96 -7.37 2.71
CA VAL A 26 -0.55 -8.17 3.85
C VAL A 26 -1.77 -8.76 4.56
N GLU A 27 -2.80 -7.95 4.69
CA GLU A 27 -4.01 -8.40 5.36
C GLU A 27 -4.62 -9.58 4.63
N LEU A 28 -4.67 -9.51 3.31
CA LEU A 28 -5.23 -10.58 2.51
C LEU A 28 -4.40 -11.85 2.67
N GLU A 29 -3.09 -11.68 2.74
CA GLU A 29 -2.19 -12.82 2.86
C GLU A 29 -2.48 -13.57 4.15
N ARG A 30 -2.68 -12.82 5.24
CA ARG A 30 -2.96 -13.43 6.53
C ARG A 30 -4.25 -14.22 6.49
N LEU A 31 -5.26 -13.67 5.83
CA LEU A 31 -6.55 -14.34 5.73
C LEU A 31 -6.41 -15.68 5.03
N LYS A 32 -5.68 -15.70 3.93
CA LYS A 32 -5.47 -16.93 3.17
C LYS A 32 -4.72 -17.95 4.00
N ASN A 33 -3.76 -17.47 4.79
CA ASN A 33 -2.95 -18.36 5.63
C ASN A 33 -3.85 -19.11 6.62
N GLU A 34 -4.78 -18.38 7.22
CA GLU A 34 -5.69 -18.99 8.19
C GLU A 34 -6.56 -20.04 7.51
N ARG A 35 -6.97 -19.74 6.29
CA ARG A 35 -7.81 -20.66 5.53
C ARG A 35 -7.08 -22.00 5.34
N HIS A 36 -5.79 -21.93 5.09
CA HIS A 36 -4.99 -23.12 4.89
C HIS A 36 -4.78 -23.86 6.21
N ASP A 37 -4.69 -23.09 7.29
CA ASP A 37 -4.48 -23.67 8.62
C ASP A 37 -5.72 -24.44 9.06
N HIS A 38 -6.88 -23.95 8.64
CA HIS A 38 -8.15 -24.59 9.00
C HIS A 38 -8.31 -25.91 8.25
N ASP A 39 -7.63 -26.01 7.11
CA ASP A 39 -7.70 -27.22 6.30
C ASP A 39 -6.98 -28.37 6.99
N TYR A 40 -6.04 -28.03 7.87
CA TYR A 40 -5.27 -29.03 8.58
C TYR A 40 -4.60 -29.99 7.61
N GLY A 1 12.78 33.57 -11.21
CA GLY A 1 12.97 32.08 -11.23
C GLY A 1 13.67 31.63 -9.97
N SER A 2 12.90 31.12 -9.01
CA SER A 2 13.46 30.66 -7.74
C SER A 2 12.83 29.33 -7.33
N VAL A 3 11.82 28.91 -8.09
CA VAL A 3 11.13 27.65 -7.80
C VAL A 3 12.09 26.48 -7.93
N LYS A 4 12.91 26.52 -8.98
CA LYS A 4 13.89 25.45 -9.21
C LYS A 4 13.19 24.10 -9.32
N LYS A 5 11.87 24.13 -9.49
CA LYS A 5 11.10 22.90 -9.60
C LYS A 5 11.43 21.95 -8.45
N LEU A 6 11.70 22.52 -7.28
CA LEU A 6 12.04 21.71 -6.11
C LEU A 6 10.80 20.98 -5.61
N ASN A 7 9.65 21.30 -6.18
CA ASN A 7 8.40 20.66 -5.78
C ASN A 7 8.39 19.20 -6.21
N ASP A 8 9.27 18.86 -7.14
CA ASP A 8 9.36 17.49 -7.63
C ASP A 8 9.72 16.53 -6.50
N GLU A 9 10.35 17.07 -5.46
CA GLU A 9 10.76 16.27 -4.31
C GLU A 9 9.53 15.71 -3.59
N VAL A 10 8.40 16.42 -3.70
CA VAL A 10 7.17 16.00 -3.07
C VAL A 10 6.76 14.62 -3.57
N ALA A 11 7.24 14.27 -4.75
CA ALA A 11 6.90 12.97 -5.34
C ALA A 11 7.30 11.84 -4.40
N LEU A 12 8.45 12.00 -3.75
CA LEU A 12 8.94 10.99 -2.83
C LEU A 12 7.90 10.74 -1.74
N GLU A 13 7.23 11.80 -1.30
CA GLU A 13 6.23 11.68 -0.26
C GLU A 13 5.00 10.96 -0.78
N ARG A 14 4.67 11.18 -2.04
CA ARG A 14 3.50 10.56 -2.65
C ARG A 14 3.63 9.05 -2.61
N LEU A 15 4.84 8.56 -2.82
CA LEU A 15 5.08 7.12 -2.81
C LEU A 15 4.47 6.48 -1.57
N LYS A 16 4.27 7.27 -0.55
CA LYS A 16 3.68 6.78 0.69
C LYS A 16 2.30 6.21 0.44
N ASN A 17 1.57 6.84 -0.48
CA ASN A 17 0.22 6.40 -0.81
C ASN A 17 0.26 4.99 -1.38
N GLU A 18 1.26 4.73 -2.21
CA GLU A 18 1.40 3.41 -2.84
C GLU A 18 1.65 2.33 -1.78
N ARG A 19 2.50 2.65 -0.82
CA ARG A 19 2.83 1.72 0.25
C ARG A 19 1.60 1.44 1.11
N HIS A 20 0.79 2.46 1.34
CA HIS A 20 -0.41 2.31 2.15
C HIS A 20 -1.36 1.26 1.56
N VAL A 21 -1.62 1.38 0.28
CA VAL A 21 -2.51 0.45 -0.41
C VAL A 21 -1.85 -0.92 -0.55
N HIS A 22 -0.52 -0.94 -0.49
CA HIS A 22 0.21 -2.20 -0.62
C HIS A 22 -0.05 -3.08 0.59
N ASP A 23 -0.48 -2.47 1.68
CA ASP A 23 -0.76 -3.21 2.91
C ASP A 23 -1.92 -4.18 2.70
N GLU A 24 -2.72 -3.92 1.67
CA GLU A 24 -3.86 -4.76 1.37
C GLU A 24 -3.40 -6.19 1.11
N GLU A 25 -2.24 -6.34 0.50
CA GLU A 25 -1.70 -7.66 0.20
C GLU A 25 -1.52 -8.47 1.48
N VAL A 26 -1.10 -7.80 2.54
CA VAL A 26 -0.89 -8.46 3.83
C VAL A 26 -2.22 -8.90 4.42
N GLU A 27 -3.22 -8.06 4.28
CA GLU A 27 -4.54 -8.37 4.83
C GLU A 27 -5.09 -9.66 4.20
N LEU A 28 -5.12 -9.70 2.89
CA LEU A 28 -5.62 -10.87 2.18
C LEU A 28 -4.77 -12.09 2.53
N GLU A 29 -3.48 -11.88 2.70
CA GLU A 29 -2.58 -12.96 3.03
C GLU A 29 -2.94 -13.57 4.38
N ARG A 30 -3.31 -12.71 5.32
CA ARG A 30 -3.65 -13.17 6.65
C ARG A 30 -4.82 -14.16 6.59
N LEU A 31 -5.85 -13.81 5.85
CA LEU A 31 -7.02 -14.70 5.72
C LEU A 31 -6.62 -16.01 5.07
N LYS A 32 -5.77 -15.93 4.05
CA LYS A 32 -5.32 -17.11 3.35
C LYS A 32 -4.53 -18.01 4.28
N ASN A 33 -3.76 -17.40 5.17
CA ASN A 33 -2.95 -18.16 6.11
C ASN A 33 -3.82 -18.87 7.14
N GLU A 34 -4.86 -18.18 7.60
CA GLU A 34 -5.75 -18.75 8.60
C GLU A 34 -6.42 -20.03 8.09
N ARG A 35 -6.94 -19.98 6.88
CA ARG A 35 -7.58 -21.15 6.29
C ARG A 35 -6.55 -22.23 5.95
N HIS A 36 -5.36 -21.78 5.57
CA HIS A 36 -4.28 -22.70 5.21
C HIS A 36 -3.91 -23.56 6.41
N ASP A 37 -3.88 -22.96 7.59
CA ASP A 37 -3.52 -23.67 8.80
C ASP A 37 -4.69 -24.53 9.27
N HIS A 38 -5.91 -24.09 8.93
CA HIS A 38 -7.11 -24.81 9.34
C HIS A 38 -7.50 -25.84 8.28
N ASP A 39 -6.73 -25.87 7.19
CA ASP A 39 -7.00 -26.81 6.11
C ASP A 39 -8.41 -26.62 5.57
N TYR A 40 -8.85 -25.36 5.47
CA TYR A 40 -10.19 -25.05 4.96
C TYR A 40 -10.11 -24.54 3.53
N GLY A 1 6.67 29.30 -17.06
CA GLY A 1 6.72 27.84 -16.81
C GLY A 1 7.56 27.57 -15.56
N SER A 2 7.57 28.53 -14.64
CA SER A 2 8.34 28.39 -13.41
C SER A 2 7.68 27.38 -12.50
N VAL A 3 8.44 26.89 -11.51
CA VAL A 3 7.92 25.91 -10.56
C VAL A 3 6.96 24.93 -11.24
N LYS A 4 7.19 24.70 -12.53
CA LYS A 4 6.31 23.82 -13.28
C LYS A 4 6.82 22.40 -13.22
N LYS A 5 6.14 21.56 -12.43
CA LYS A 5 6.54 20.16 -12.29
C LYS A 5 5.36 19.32 -11.85
N LEU A 6 4.17 19.64 -12.36
CA LEU A 6 2.98 18.88 -12.01
C LEU A 6 3.16 17.42 -12.33
N ASN A 7 3.96 17.12 -13.36
CA ASN A 7 4.21 15.75 -13.77
C ASN A 7 4.89 14.96 -12.65
N ASP A 8 5.79 15.63 -11.94
CA ASP A 8 6.51 14.98 -10.85
C ASP A 8 5.60 14.79 -9.65
N GLU A 9 4.78 15.80 -9.37
CA GLU A 9 3.88 15.75 -8.22
C GLU A 9 2.89 14.59 -8.35
N VAL A 10 2.34 14.43 -9.55
CA VAL A 10 1.39 13.36 -9.79
C VAL A 10 2.09 12.01 -9.81
N ALA A 11 3.32 12.01 -10.31
CA ALA A 11 4.09 10.77 -10.39
C ALA A 11 4.32 10.19 -9.00
N LEU A 12 4.67 11.06 -8.06
CA LEU A 12 4.90 10.63 -6.69
C LEU A 12 3.60 10.13 -6.06
N GLU A 13 2.51 10.82 -6.36
CA GLU A 13 1.22 10.45 -5.80
C GLU A 13 0.85 9.03 -6.22
N ARG A 14 1.11 8.71 -7.49
CA ARG A 14 0.78 7.39 -8.01
C ARG A 14 1.57 6.33 -7.26
N LEU A 15 2.85 6.58 -7.04
CA LEU A 15 3.70 5.64 -6.32
C LEU A 15 3.22 5.49 -4.88
N LYS A 16 2.75 6.58 -4.30
CA LYS A 16 2.27 6.55 -2.94
C LYS A 16 1.06 5.64 -2.81
N ASN A 17 0.18 5.70 -3.81
CA ASN A 17 -1.03 4.88 -3.80
C ASN A 17 -0.66 3.40 -3.86
N GLU A 18 0.36 3.09 -4.66
CA GLU A 18 0.79 1.70 -4.81
C GLU A 18 1.25 1.14 -3.47
N ARG A 19 1.98 1.94 -2.72
CA ARG A 19 2.49 1.52 -1.41
C ARG A 19 1.33 1.31 -0.43
N HIS A 20 0.32 2.16 -0.54
CA HIS A 20 -0.82 2.07 0.36
C HIS A 20 -1.51 0.71 0.23
N VAL A 21 -1.74 0.29 -1.00
CA VAL A 21 -2.39 -0.99 -1.26
C VAL A 21 -1.43 -2.14 -0.98
N HIS A 22 -0.14 -1.85 -1.06
CA HIS A 22 0.87 -2.87 -0.81
C HIS A 22 0.76 -3.40 0.62
N ASP A 23 0.57 -2.49 1.56
CA ASP A 23 0.44 -2.87 2.96
C ASP A 23 -0.93 -3.50 3.22
N GLU A 24 -1.95 -2.92 2.60
CA GLU A 24 -3.31 -3.43 2.77
C GLU A 24 -3.41 -4.88 2.31
N GLU A 25 -2.55 -5.25 1.37
CA GLU A 25 -2.54 -6.61 0.83
C GLU A 25 -2.34 -7.61 1.97
N VAL A 26 -1.52 -7.24 2.95
CA VAL A 26 -1.23 -8.13 4.06
C VAL A 26 -2.52 -8.72 4.60
N GLU A 27 -3.62 -8.01 4.42
CA GLU A 27 -4.92 -8.47 4.91
C GLU A 27 -5.29 -9.79 4.25
N LEU A 28 -5.08 -9.86 2.95
CA LEU A 28 -5.38 -11.07 2.20
C LEU A 28 -4.44 -12.19 2.57
N GLU A 29 -3.19 -11.84 2.83
CA GLU A 29 -2.18 -12.82 3.20
C GLU A 29 -2.57 -13.53 4.49
N ARG A 30 -3.00 -12.75 5.47
CA ARG A 30 -3.41 -13.30 6.76
C ARG A 30 -4.62 -14.23 6.58
N LEU A 31 -5.56 -13.80 5.74
CA LEU A 31 -6.75 -14.59 5.50
C LEU A 31 -6.38 -15.96 4.93
N LYS A 32 -5.47 -15.95 3.96
CA LYS A 32 -5.04 -17.20 3.34
C LYS A 32 -4.31 -18.07 4.35
N ASN A 33 -3.55 -17.43 5.23
CA ASN A 33 -2.77 -18.16 6.23
C ASN A 33 -3.69 -18.99 7.12
N GLU A 34 -4.75 -18.36 7.64
CA GLU A 34 -5.70 -19.06 8.50
C GLU A 34 -6.59 -19.99 7.69
N ARG A 35 -6.82 -19.62 6.43
CA ARG A 35 -7.65 -20.42 5.54
C ARG A 35 -7.02 -21.78 5.30
N HIS A 36 -5.70 -21.82 5.31
CA HIS A 36 -4.97 -23.07 5.08
C HIS A 36 -5.40 -24.14 6.07
N ASP A 37 -5.96 -23.69 7.20
CA ASP A 37 -6.41 -24.61 8.23
C ASP A 37 -7.47 -25.56 7.67
N HIS A 38 -8.30 -25.05 6.75
CA HIS A 38 -9.35 -25.85 6.16
C HIS A 38 -8.76 -26.86 5.17
N ASP A 39 -7.58 -26.53 4.64
CA ASP A 39 -6.91 -27.42 3.69
C ASP A 39 -6.27 -28.59 4.42
N TYR A 40 -5.88 -28.36 5.67
CA TYR A 40 -5.24 -29.41 6.46
C TYR A 40 -5.19 -29.01 7.93
N GLY A 1 12.70 21.68 -14.60
CA GLY A 1 12.89 21.70 -13.13
C GLY A 1 12.75 23.13 -12.60
N SER A 2 11.79 23.86 -13.15
CA SER A 2 11.57 25.24 -12.74
C SER A 2 11.14 25.30 -11.27
N VAL A 3 10.58 24.19 -10.78
CA VAL A 3 10.11 24.12 -9.39
C VAL A 3 10.61 22.84 -8.72
N LYS A 4 10.18 22.59 -7.48
CA LYS A 4 10.60 21.39 -6.76
C LYS A 4 9.54 21.02 -5.71
N LYS A 5 8.68 21.98 -5.38
CA LYS A 5 7.64 21.75 -4.39
C LYS A 5 6.71 20.64 -4.86
N LEU A 6 6.38 20.62 -6.16
CA LEU A 6 5.51 19.60 -6.70
C LEU A 6 6.20 18.24 -6.71
N ASN A 7 7.50 18.24 -6.99
CA ASN A 7 8.28 17.01 -7.05
C ASN A 7 8.21 16.26 -5.71
N ASP A 8 8.36 17.00 -4.61
CA ASP A 8 8.31 16.38 -3.29
C ASP A 8 6.86 16.08 -2.90
N GLU A 9 5.94 16.92 -3.35
CA GLU A 9 4.51 16.74 -3.03
C GLU A 9 3.98 15.43 -3.64
N VAL A 10 4.37 15.15 -4.89
CA VAL A 10 3.92 13.93 -5.55
C VAL A 10 4.69 12.72 -5.04
N ALA A 11 5.95 12.93 -4.70
CA ALA A 11 6.79 11.84 -4.20
C ALA A 11 6.21 11.27 -2.91
N LEU A 12 5.77 12.14 -2.01
CA LEU A 12 5.18 11.68 -0.75
C LEU A 12 3.81 11.06 -1.00
N GLU A 13 3.03 11.66 -1.89
CA GLU A 13 1.69 11.14 -2.19
C GLU A 13 1.79 9.75 -2.80
N ARG A 14 2.76 9.55 -3.70
CA ARG A 14 2.94 8.26 -4.34
C ARG A 14 3.33 7.20 -3.32
N LEU A 15 4.22 7.56 -2.40
CA LEU A 15 4.66 6.63 -1.36
C LEU A 15 3.49 6.21 -0.49
N LYS A 16 2.60 7.15 -0.18
CA LYS A 16 1.43 6.87 0.65
C LYS A 16 0.52 5.85 -0.04
N ASN A 17 0.36 5.98 -1.35
CA ASN A 17 -0.49 5.06 -2.10
C ASN A 17 0.09 3.65 -2.02
N GLU A 18 1.40 3.54 -2.15
CA GLU A 18 2.06 2.23 -2.10
C GLU A 18 1.90 1.62 -0.71
N ARG A 19 2.04 2.45 0.31
CA ARG A 19 1.92 1.98 1.69
C ARG A 19 0.53 1.38 1.92
N HIS A 20 -0.49 2.04 1.40
CA HIS A 20 -1.86 1.55 1.58
C HIS A 20 -2.04 0.19 0.93
N VAL A 21 -1.46 0.03 -0.27
CA VAL A 21 -1.54 -1.23 -0.97
C VAL A 21 -0.78 -2.32 -0.24
N HIS A 22 0.37 -1.95 0.33
CA HIS A 22 1.20 -2.90 1.04
C HIS A 22 0.43 -3.53 2.21
N ASP A 23 -0.35 -2.72 2.93
CA ASP A 23 -1.12 -3.26 4.05
C ASP A 23 -2.27 -4.12 3.51
N GLU A 24 -2.80 -3.73 2.36
CA GLU A 24 -3.90 -4.49 1.76
C GLU A 24 -3.41 -5.85 1.28
N GLU A 25 -2.22 -5.89 0.67
CA GLU A 25 -1.66 -7.15 0.18
C GLU A 25 -1.41 -8.14 1.33
N VAL A 26 -0.89 -7.64 2.47
CA VAL A 26 -0.62 -8.52 3.60
C VAL A 26 -1.92 -8.91 4.30
N GLU A 27 -2.89 -8.00 4.28
CA GLU A 27 -4.16 -8.27 4.93
C GLU A 27 -4.85 -9.49 4.31
N LEU A 28 -4.86 -9.55 2.98
CA LEU A 28 -5.46 -10.68 2.29
C LEU A 28 -4.63 -11.94 2.49
N GLU A 29 -3.31 -11.79 2.48
CA GLU A 29 -2.42 -12.93 2.67
C GLU A 29 -2.61 -13.55 4.05
N ARG A 30 -2.72 -12.68 5.06
CA ARG A 30 -2.90 -13.16 6.43
C ARG A 30 -4.19 -13.96 6.57
N LEU A 31 -5.26 -13.44 5.98
CA LEU A 31 -6.55 -14.12 6.04
C LEU A 31 -6.46 -15.48 5.35
N LYS A 32 -5.84 -15.50 4.19
CA LYS A 32 -5.69 -16.75 3.45
C LYS A 32 -4.86 -17.75 4.25
N ASN A 33 -3.84 -17.25 4.94
CA ASN A 33 -2.98 -18.13 5.75
C ASN A 33 -3.80 -18.81 6.84
N GLU A 34 -4.70 -18.07 7.47
CA GLU A 34 -5.53 -18.62 8.52
C GLU A 34 -6.43 -19.72 7.96
N ARG A 35 -6.97 -19.49 6.77
CA ARG A 35 -7.84 -20.48 6.15
C ARG A 35 -7.04 -21.72 5.74
N HIS A 36 -5.80 -21.52 5.29
CA HIS A 36 -4.96 -22.64 4.87
C HIS A 36 -4.69 -23.60 6.03
N ASP A 37 -4.44 -23.07 7.24
CA ASP A 37 -4.17 -23.93 8.38
C ASP A 37 -5.46 -24.50 8.95
N HIS A 38 -6.57 -23.79 8.71
CA HIS A 38 -7.87 -24.22 9.20
C HIS A 38 -8.47 -25.28 8.28
N ASP A 39 -8.06 -25.28 7.01
CA ASP A 39 -8.58 -26.24 6.03
C ASP A 39 -7.63 -27.44 5.91
N TYR A 40 -6.36 -27.22 6.24
CA TYR A 40 -5.37 -28.28 6.16
C TYR A 40 -5.30 -28.83 4.74
N GLY A 1 2.52 31.11 -4.87
CA GLY A 1 3.08 29.77 -4.56
C GLY A 1 4.27 29.50 -5.47
N SER A 2 5.18 28.64 -5.02
CA SER A 2 6.36 28.29 -5.80
C SER A 2 6.38 26.79 -6.10
N VAL A 3 6.79 26.45 -7.31
CA VAL A 3 6.86 25.04 -7.71
C VAL A 3 7.90 24.30 -6.87
N LYS A 4 8.83 25.05 -6.30
CA LYS A 4 9.87 24.45 -5.47
C LYS A 4 9.27 23.79 -4.24
N LYS A 5 9.89 22.70 -3.80
CA LYS A 5 9.42 21.97 -2.63
C LYS A 5 7.96 21.57 -2.81
N LEU A 6 7.49 21.59 -4.06
CA LEU A 6 6.10 21.24 -4.36
C LEU A 6 6.03 19.88 -5.05
N ASN A 7 6.79 19.74 -6.13
CA ASN A 7 6.80 18.50 -6.88
C ASN A 7 7.27 17.34 -6.00
N ASP A 8 8.23 17.63 -5.12
CA ASP A 8 8.76 16.60 -4.23
C ASP A 8 7.64 16.01 -3.37
N GLU A 9 6.68 16.85 -3.00
CA GLU A 9 5.56 16.40 -2.17
C GLU A 9 4.74 15.35 -2.92
N VAL A 10 4.57 15.54 -4.22
CA VAL A 10 3.82 14.62 -5.04
C VAL A 10 4.52 13.28 -5.12
N ALA A 11 5.84 13.30 -5.20
CA ALA A 11 6.61 12.06 -5.31
C ALA A 11 6.36 11.17 -4.10
N LEU A 12 6.40 11.76 -2.92
CA LEU A 12 6.15 11.00 -1.70
C LEU A 12 4.69 10.59 -1.62
N GLU A 13 3.82 11.45 -2.11
CA GLU A 13 2.40 11.17 -2.09
C GLU A 13 2.11 9.89 -2.85
N ARG A 14 2.70 9.78 -4.05
CA ARG A 14 2.50 8.60 -4.87
C ARG A 14 3.05 7.36 -4.16
N LEU A 15 4.24 7.51 -3.59
CA LEU A 15 4.89 6.41 -2.87
C LEU A 15 4.05 5.99 -1.67
N LYS A 16 3.43 6.96 -1.04
CA LYS A 16 2.59 6.70 0.13
C LYS A 16 1.42 5.82 -0.27
N ASN A 17 0.84 6.09 -1.45
CA ASN A 17 -0.28 5.31 -1.94
C ASN A 17 0.14 3.87 -2.19
N GLU A 18 1.35 3.70 -2.72
CA GLU A 18 1.85 2.35 -3.01
C GLU A 18 2.00 1.57 -1.71
N ARG A 19 2.48 2.22 -0.67
CA ARG A 19 2.66 1.57 0.62
C ARG A 19 1.33 1.14 1.19
N HIS A 20 0.31 1.97 1.00
CA HIS A 20 -1.02 1.66 1.51
C HIS A 20 -1.50 0.33 0.91
N VAL A 21 -1.36 0.18 -0.40
CA VAL A 21 -1.78 -1.05 -1.06
C VAL A 21 -0.97 -2.23 -0.57
N HIS A 22 0.34 -2.04 -0.44
CA HIS A 22 1.22 -3.11 0.02
C HIS A 22 0.81 -3.54 1.42
N ASP A 23 0.44 -2.56 2.25
CA ASP A 23 0.03 -2.86 3.62
C ASP A 23 -1.26 -3.68 3.60
N GLU A 24 -2.15 -3.32 2.69
CA GLU A 24 -3.43 -4.01 2.56
C GLU A 24 -3.22 -5.47 2.15
N GLU A 25 -2.12 -5.73 1.48
CA GLU A 25 -1.80 -7.08 1.01
C GLU A 25 -1.83 -8.07 2.18
N VAL A 26 -1.45 -7.62 3.35
CA VAL A 26 -1.43 -8.48 4.52
C VAL A 26 -2.84 -8.99 4.83
N GLU A 27 -3.84 -8.22 4.41
CA GLU A 27 -5.22 -8.62 4.65
C GLU A 27 -5.54 -9.92 3.93
N LEU A 28 -5.11 -10.02 2.67
CA LEU A 28 -5.34 -11.21 1.87
C LEU A 28 -4.54 -12.39 2.43
N GLU A 29 -3.34 -12.10 2.90
CA GLU A 29 -2.48 -13.14 3.45
C GLU A 29 -3.06 -13.71 4.73
N ARG A 30 -3.61 -12.84 5.57
CA ARG A 30 -4.19 -13.27 6.82
C ARG A 30 -5.36 -14.21 6.58
N LEU A 31 -6.21 -13.87 5.61
CA LEU A 31 -7.36 -14.70 5.30
C LEU A 31 -6.93 -16.06 4.78
N LYS A 32 -5.91 -16.07 3.93
CA LYS A 32 -5.39 -17.30 3.37
C LYS A 32 -4.80 -18.17 4.47
N ASN A 33 -4.11 -17.54 5.42
CA ASN A 33 -3.50 -18.27 6.52
C ASN A 33 -4.55 -18.98 7.36
N GLU A 34 -5.66 -18.29 7.61
CA GLU A 34 -6.73 -18.89 8.40
C GLU A 34 -7.25 -20.14 7.72
N ARG A 35 -7.47 -20.05 6.41
CA ARG A 35 -7.95 -21.19 5.65
C ARG A 35 -6.90 -22.31 5.69
N HIS A 36 -5.64 -21.90 5.60
CA HIS A 36 -4.53 -22.84 5.63
C HIS A 36 -4.52 -23.61 6.94
N ASP A 37 -4.77 -22.91 8.04
CA ASP A 37 -4.79 -23.54 9.35
C ASP A 37 -6.06 -24.35 9.53
N HIS A 38 -7.10 -23.97 8.80
CA HIS A 38 -8.38 -24.65 8.87
C HIS A 38 -8.30 -26.02 8.19
N ASP A 39 -7.38 -26.15 7.25
CA ASP A 39 -7.20 -27.42 6.54
C ASP A 39 -8.56 -28.06 6.22
N TYR A 40 -9.52 -27.24 5.80
CA TYR A 40 -10.85 -27.74 5.48
C TYR A 40 -10.76 -29.08 4.74
N GLY A 1 4.28 26.29 -11.73
CA GLY A 1 3.24 25.51 -11.00
C GLY A 1 3.91 24.52 -10.06
N SER A 2 5.04 23.98 -10.48
CA SER A 2 5.78 23.02 -9.66
C SER A 2 6.24 23.67 -8.36
N VAL A 3 6.39 24.98 -8.37
CA VAL A 3 6.82 25.71 -7.19
C VAL A 3 5.71 25.75 -6.15
N LYS A 4 4.48 25.51 -6.59
CA LYS A 4 3.33 25.53 -5.68
C LYS A 4 3.38 24.33 -4.73
N LYS A 5 3.00 24.57 -3.48
CA LYS A 5 3.01 23.51 -2.49
C LYS A 5 2.03 22.41 -2.87
N LEU A 6 1.06 22.75 -3.71
CA LEU A 6 0.06 21.78 -4.14
C LEU A 6 0.71 20.61 -4.86
N ASN A 7 1.73 20.91 -5.66
CA ASN A 7 2.45 19.88 -6.40
C ASN A 7 3.11 18.89 -5.44
N ASP A 8 3.67 19.42 -4.35
CA ASP A 8 4.35 18.58 -3.37
C ASP A 8 3.32 17.83 -2.52
N GLU A 9 2.24 18.50 -2.18
CA GLU A 9 1.20 17.89 -1.35
C GLU A 9 0.56 16.69 -2.04
N VAL A 10 0.32 16.81 -3.34
CA VAL A 10 -0.29 15.74 -4.11
C VAL A 10 0.72 14.63 -4.36
N ALA A 11 1.98 15.01 -4.54
CA ALA A 11 3.03 14.02 -4.81
C ALA A 11 3.16 13.04 -3.64
N LEU A 12 3.17 13.59 -2.43
CA LEU A 12 3.27 12.75 -1.24
C LEU A 12 1.99 11.96 -1.03
N GLU A 13 0.86 12.57 -1.37
CA GLU A 13 -0.42 11.92 -1.20
C GLU A 13 -0.49 10.65 -2.05
N ARG A 14 -0.04 10.75 -3.29
CA ARG A 14 -0.05 9.60 -4.19
C ARG A 14 0.85 8.49 -3.64
N LEU A 15 2.01 8.88 -3.15
CA LEU A 15 2.95 7.91 -2.60
C LEU A 15 2.36 7.22 -1.37
N LYS A 16 1.68 8.00 -0.54
CA LYS A 16 1.08 7.47 0.68
C LYS A 16 -0.01 6.46 0.34
N ASN A 17 -0.77 6.76 -0.70
CA ASN A 17 -1.84 5.87 -1.13
C ASN A 17 -1.28 4.52 -1.56
N GLU A 18 -0.14 4.55 -2.24
CA GLU A 18 0.50 3.33 -2.72
C GLU A 18 0.91 2.45 -1.54
N ARG A 19 1.42 3.10 -0.50
CA ARG A 19 1.85 2.36 0.70
C ARG A 19 0.67 1.62 1.33
N HIS A 20 -0.47 2.29 1.40
CA HIS A 20 -1.67 1.67 1.97
C HIS A 20 -2.10 0.46 1.15
N VAL A 21 -1.99 0.57 -0.18
CA VAL A 21 -2.37 -0.53 -1.05
C VAL A 21 -1.52 -1.75 -0.76
N HIS A 22 -0.22 -1.55 -0.63
CA HIS A 22 0.70 -2.64 -0.35
C HIS A 22 0.33 -3.32 0.97
N ASP A 23 -0.05 -2.52 1.95
CA ASP A 23 -0.43 -3.05 3.26
C ASP A 23 -1.66 -3.94 3.13
N GLU A 24 -2.61 -3.50 2.31
CA GLU A 24 -3.85 -4.27 2.11
C GLU A 24 -3.54 -5.63 1.49
N GLU A 25 -2.61 -5.64 0.55
CA GLU A 25 -2.23 -6.88 -0.13
C GLU A 25 -1.66 -7.88 0.88
N VAL A 26 -0.88 -7.37 1.82
CA VAL A 26 -0.26 -8.20 2.84
C VAL A 26 -1.31 -8.73 3.80
N GLU A 27 -2.25 -7.87 4.17
CA GLU A 27 -3.30 -8.26 5.10
C GLU A 27 -4.14 -9.39 4.53
N LEU A 28 -4.47 -9.27 3.25
CA LEU A 28 -5.26 -10.30 2.59
C LEU A 28 -4.49 -11.61 2.50
N GLU A 29 -3.19 -11.49 2.28
CA GLU A 29 -2.36 -12.67 2.15
C GLU A 29 -2.34 -13.45 3.46
N ARG A 30 -2.14 -12.74 4.56
CA ARG A 30 -2.09 -13.37 5.88
C ARG A 30 -3.42 -14.03 6.20
N LEU A 31 -4.50 -13.39 5.75
CA LEU A 31 -5.83 -13.91 6.00
C LEU A 31 -5.93 -15.36 5.54
N LYS A 32 -5.26 -15.67 4.45
CA LYS A 32 -5.28 -17.03 3.91
C LYS A 32 -5.01 -18.06 5.01
N ASN A 33 -4.49 -17.57 6.12
CA ASN A 33 -4.19 -18.46 7.26
C ASN A 33 -5.43 -19.23 7.67
N GLU A 34 -6.59 -18.60 7.55
CA GLU A 34 -7.85 -19.25 7.92
C GLU A 34 -8.02 -20.56 7.14
N ARG A 35 -7.52 -20.57 5.93
CA ARG A 35 -7.62 -21.76 5.07
C ARG A 35 -6.59 -22.80 5.50
N HIS A 36 -5.43 -22.32 5.96
CA HIS A 36 -4.35 -23.20 6.38
C HIS A 36 -4.80 -24.10 7.54
N ASP A 37 -5.46 -23.48 8.53
CA ASP A 37 -5.93 -24.22 9.68
C ASP A 37 -7.13 -25.07 9.33
N HIS A 38 -7.97 -24.54 8.44
CA HIS A 38 -9.17 -25.25 8.00
C HIS A 38 -8.78 -26.43 7.11
N ASP A 39 -7.54 -26.44 6.65
CA ASP A 39 -7.05 -27.51 5.79
C ASP A 39 -7.94 -27.64 4.55
N TYR A 40 -8.37 -26.49 4.01
CA TYR A 40 -9.23 -26.49 2.84
C TYR A 40 -10.54 -27.19 3.12
N GLY A 1 9.29 27.65 -9.87
CA GLY A 1 10.63 27.76 -9.23
C GLY A 1 10.97 26.44 -8.54
N SER A 2 11.75 26.53 -7.47
CA SER A 2 12.15 25.33 -6.74
C SER A 2 12.81 24.32 -7.67
N VAL A 3 14.13 24.19 -7.57
CA VAL A 3 14.88 23.25 -8.41
C VAL A 3 14.37 21.84 -8.20
N LYS A 4 13.82 21.58 -7.02
CA LYS A 4 13.30 20.26 -6.68
C LYS A 4 12.02 19.97 -7.47
N LYS A 5 11.44 21.02 -8.03
CA LYS A 5 10.21 20.87 -8.81
C LYS A 5 9.14 20.19 -7.96
N LEU A 6 9.12 20.48 -6.67
CA LEU A 6 8.13 19.89 -5.78
C LEU A 6 8.04 18.39 -6.01
N ASN A 7 9.17 17.80 -6.41
CA ASN A 7 9.22 16.36 -6.66
C ASN A 7 8.83 15.59 -5.41
N ASP A 8 9.28 16.08 -4.27
CA ASP A 8 8.98 15.44 -2.99
C ASP A 8 7.48 15.46 -2.72
N GLU A 9 6.82 16.58 -3.04
CA GLU A 9 5.39 16.71 -2.80
C GLU A 9 4.59 15.68 -3.60
N VAL A 10 4.97 15.47 -4.86
CA VAL A 10 4.27 14.49 -5.69
C VAL A 10 4.70 13.08 -5.33
N ALA A 11 5.99 12.91 -5.03
CA ALA A 11 6.49 11.59 -4.67
C ALA A 11 5.81 11.11 -3.38
N LEU A 12 5.66 12.02 -2.42
CA LEU A 12 5.02 11.68 -1.16
C LEU A 12 3.55 11.32 -1.38
N GLU A 13 2.88 12.07 -2.28
CA GLU A 13 1.47 11.84 -2.55
C GLU A 13 1.24 10.41 -3.04
N ARG A 14 2.12 9.93 -3.91
CA ARG A 14 2.00 8.57 -4.43
C ARG A 14 2.58 7.54 -3.45
N LEU A 15 3.49 8.00 -2.60
CA LEU A 15 4.10 7.10 -1.62
C LEU A 15 3.04 6.53 -0.69
N LYS A 16 2.09 7.36 -0.27
CA LYS A 16 1.03 6.88 0.62
C LYS A 16 0.10 5.92 -0.11
N ASN A 17 -0.06 6.12 -1.41
CA ASN A 17 -0.92 5.26 -2.21
C ASN A 17 -0.37 3.84 -2.18
N GLU A 18 0.94 3.71 -2.33
CA GLU A 18 1.57 2.39 -2.32
C GLU A 18 1.38 1.73 -0.95
N ARG A 19 1.55 2.53 0.09
CA ARG A 19 1.40 2.04 1.46
C ARG A 19 -0.05 1.62 1.73
N HIS A 20 -1.00 2.38 1.19
CA HIS A 20 -2.41 2.09 1.38
C HIS A 20 -2.75 0.70 0.87
N VAL A 21 -2.25 0.38 -0.31
CA VAL A 21 -2.51 -0.94 -0.90
C VAL A 21 -1.60 -1.99 -0.28
N HIS A 22 -0.49 -1.55 0.29
CA HIS A 22 0.46 -2.46 0.92
C HIS A 22 -0.18 -3.17 2.11
N ASP A 23 -0.99 -2.45 2.89
CA ASP A 23 -1.65 -3.04 4.04
C ASP A 23 -2.69 -4.07 3.59
N GLU A 24 -3.37 -3.79 2.49
CA GLU A 24 -4.36 -4.73 1.95
C GLU A 24 -3.70 -6.03 1.52
N GLU A 25 -2.51 -5.91 0.93
CA GLU A 25 -1.76 -7.10 0.49
C GLU A 25 -1.34 -7.98 1.68
N VAL A 26 -0.94 -7.35 2.78
CA VAL A 26 -0.51 -8.08 3.97
C VAL A 26 -1.70 -8.80 4.59
N GLU A 27 -2.84 -8.11 4.67
CA GLU A 27 -4.05 -8.72 5.26
C GLU A 27 -4.54 -9.89 4.40
N LEU A 28 -4.46 -9.74 3.09
CA LEU A 28 -4.90 -10.79 2.19
C LEU A 28 -4.06 -12.05 2.40
N GLU A 29 -2.76 -11.87 2.61
CA GLU A 29 -1.87 -13.02 2.80
C GLU A 29 -2.24 -13.75 4.09
N ARG A 30 -2.52 -12.99 5.14
CA ARG A 30 -2.88 -13.58 6.42
C ARG A 30 -4.23 -14.31 6.32
N LEU A 31 -5.15 -13.71 5.57
CA LEU A 31 -6.49 -14.30 5.42
C LEU A 31 -6.41 -15.73 4.91
N LYS A 32 -5.80 -15.92 3.74
CA LYS A 32 -5.68 -17.25 3.18
C LYS A 32 -4.88 -18.16 4.11
N ASN A 33 -3.83 -17.61 4.68
CA ASN A 33 -2.98 -18.38 5.58
C ASN A 33 -3.77 -18.86 6.79
N GLU A 34 -4.62 -17.98 7.31
CA GLU A 34 -5.44 -18.31 8.46
C GLU A 34 -6.37 -19.47 8.14
N ARG A 35 -6.97 -19.43 6.95
CA ARG A 35 -7.88 -20.49 6.51
C ARG A 35 -7.09 -21.74 6.13
N HIS A 36 -5.86 -21.54 5.64
CA HIS A 36 -4.99 -22.63 5.23
C HIS A 36 -4.59 -23.52 6.42
N ASP A 37 -4.35 -22.88 7.57
CA ASP A 37 -3.93 -23.63 8.76
C ASP A 37 -5.03 -24.57 9.22
N HIS A 38 -6.25 -24.31 8.77
CA HIS A 38 -7.41 -25.13 9.13
C HIS A 38 -7.88 -25.96 7.93
N ASP A 39 -7.42 -25.56 6.74
CA ASP A 39 -7.82 -26.26 5.53
C ASP A 39 -9.33 -26.26 5.39
N TYR A 40 -9.96 -25.14 5.73
CA TYR A 40 -11.43 -25.03 5.64
C TYR A 40 -11.84 -24.50 4.26
N GLY A 1 7.59 32.33 -13.91
CA GLY A 1 7.22 32.00 -15.31
C GLY A 1 6.70 30.57 -15.38
N SER A 2 5.53 30.34 -14.80
CA SER A 2 4.93 29.01 -14.79
C SER A 2 5.80 28.05 -14.00
N VAL A 3 5.30 26.83 -13.80
CA VAL A 3 6.03 25.82 -13.04
C VAL A 3 6.06 24.49 -13.80
N LYS A 4 6.59 23.45 -13.16
CA LYS A 4 6.67 22.14 -13.78
C LYS A 4 6.95 21.07 -12.74
N LYS A 5 6.74 21.42 -11.48
CA LYS A 5 6.97 20.48 -10.38
C LYS A 5 5.68 19.75 -10.02
N LEU A 6 4.56 20.25 -10.52
CA LEU A 6 3.26 19.65 -10.24
C LEU A 6 3.21 18.22 -10.76
N ASN A 7 3.76 18.02 -11.95
CA ASN A 7 3.77 16.70 -12.56
C ASN A 7 4.66 15.76 -11.74
N ASP A 8 5.76 16.30 -11.22
CA ASP A 8 6.68 15.50 -10.42
C ASP A 8 5.99 15.00 -9.15
N GLU A 9 5.23 15.87 -8.52
CA GLU A 9 4.51 15.52 -7.30
C GLU A 9 3.51 14.40 -7.59
N VAL A 10 2.87 14.45 -8.76
CA VAL A 10 1.90 13.46 -9.14
C VAL A 10 2.57 12.10 -9.30
N ALA A 11 3.80 12.11 -9.82
CA ALA A 11 4.53 10.86 -10.03
C ALA A 11 4.77 10.17 -8.69
N LEU A 12 5.15 10.95 -7.69
CA LEU A 12 5.40 10.40 -6.36
C LEU A 12 4.09 9.95 -5.72
N GLU A 13 3.02 10.67 -5.98
CA GLU A 13 1.72 10.34 -5.43
C GLU A 13 1.28 8.96 -5.94
N ARG A 14 1.51 8.71 -7.22
CA ARG A 14 1.14 7.43 -7.82
C ARG A 14 1.92 6.30 -7.17
N LEU A 15 3.22 6.53 -6.96
CA LEU A 15 4.06 5.53 -6.35
C LEU A 15 3.57 5.20 -4.94
N LYS A 16 3.14 6.22 -4.23
CA LYS A 16 2.65 6.04 -2.86
C LYS A 16 1.41 5.18 -2.84
N ASN A 17 0.55 5.36 -3.84
CA ASN A 17 -0.68 4.59 -3.94
C ASN A 17 -0.37 3.11 -4.10
N GLU A 18 0.66 2.82 -4.88
CA GLU A 18 1.06 1.43 -5.12
C GLU A 18 1.48 0.76 -3.80
N ARG A 19 2.28 1.49 -3.04
CA ARG A 19 2.75 0.97 -1.76
C ARG A 19 1.58 0.79 -0.79
N HIS A 20 0.64 1.73 -0.83
CA HIS A 20 -0.52 1.66 0.04
C HIS A 20 -1.30 0.37 -0.21
N VAL A 21 -1.48 0.02 -1.48
CA VAL A 21 -2.20 -1.20 -1.84
C VAL A 21 -1.51 -2.41 -1.24
N HIS A 22 -0.20 -2.46 -1.37
CA HIS A 22 0.57 -3.59 -0.85
C HIS A 22 0.50 -3.62 0.68
N ASP A 23 0.46 -2.44 1.28
CA ASP A 23 0.42 -2.35 2.74
C ASP A 23 -0.81 -3.07 3.28
N GLU A 24 -1.94 -2.88 2.61
CA GLU A 24 -3.18 -3.54 3.03
C GLU A 24 -3.23 -4.97 2.51
N GLU A 25 -2.47 -5.23 1.45
CA GLU A 25 -2.44 -6.56 0.86
C GLU A 25 -1.95 -7.59 1.88
N VAL A 26 -0.94 -7.21 2.66
CA VAL A 26 -0.39 -8.10 3.66
C VAL A 26 -1.48 -8.49 4.67
N GLU A 27 -2.40 -7.57 4.91
CA GLU A 27 -3.48 -7.82 5.85
C GLU A 27 -4.44 -8.85 5.29
N LEU A 28 -4.72 -8.74 4.01
CA LEU A 28 -5.63 -9.66 3.34
C LEU A 28 -5.04 -11.05 3.23
N GLU A 29 -3.73 -11.11 3.28
CA GLU A 29 -3.03 -12.40 3.19
C GLU A 29 -3.38 -13.28 4.37
N ARG A 30 -3.80 -12.66 5.47
CA ARG A 30 -4.17 -13.39 6.67
C ARG A 30 -5.34 -14.32 6.39
N LEU A 31 -6.26 -13.84 5.56
CA LEU A 31 -7.45 -14.63 5.23
C LEU A 31 -7.05 -15.94 4.56
N LYS A 32 -6.12 -15.86 3.64
CA LYS A 32 -5.65 -17.03 2.93
C LYS A 32 -4.88 -17.96 3.86
N ASN A 33 -4.14 -17.37 4.79
CA ASN A 33 -3.36 -18.14 5.75
C ASN A 33 -4.27 -18.98 6.64
N GLU A 34 -5.49 -18.50 6.84
CA GLU A 34 -6.45 -19.21 7.68
C GLU A 34 -6.69 -20.62 7.11
N ARG A 35 -6.68 -20.73 5.80
CA ARG A 35 -6.91 -22.01 5.14
C ARG A 35 -5.85 -23.03 5.55
N HIS A 36 -4.70 -22.54 5.99
CA HIS A 36 -3.60 -23.41 6.42
C HIS A 36 -3.97 -24.09 7.73
N ASP A 37 -5.00 -23.59 8.40
CA ASP A 37 -5.42 -24.14 9.67
C ASP A 37 -5.81 -25.62 9.51
N HIS A 38 -6.47 -25.94 8.38
CA HIS A 38 -6.88 -27.30 8.12
C HIS A 38 -5.94 -27.97 7.13
N ASP A 39 -5.22 -27.15 6.36
CA ASP A 39 -4.27 -27.67 5.39
C ASP A 39 -4.92 -28.77 4.53
N TYR A 40 -6.18 -28.55 4.16
CA TYR A 40 -6.90 -29.53 3.33
C TYR A 40 -8.21 -28.94 2.84
N GLY A 1 11.11 18.10 -12.41
CA GLY A 1 10.74 18.89 -11.20
C GLY A 1 11.94 19.68 -10.72
N SER A 2 11.74 20.95 -10.44
CA SER A 2 12.82 21.83 -9.97
C SER A 2 12.28 22.89 -9.02
N VAL A 3 11.04 23.29 -9.23
CA VAL A 3 10.42 24.31 -8.39
C VAL A 3 10.31 23.81 -6.95
N LYS A 4 10.18 22.51 -6.79
CA LYS A 4 10.06 21.92 -5.47
C LYS A 4 8.87 22.49 -4.72
N LYS A 5 7.71 22.46 -5.36
CA LYS A 5 6.50 22.97 -4.74
C LYS A 5 5.28 22.61 -5.58
N LEU A 6 4.11 22.50 -4.95
CA LEU A 6 2.90 22.17 -5.66
C LEU A 6 2.89 20.70 -6.06
N ASN A 7 3.98 20.27 -6.66
CA ASN A 7 4.10 18.88 -7.11
C ASN A 7 4.18 17.95 -5.90
N ASP A 8 4.44 18.53 -4.75
CA ASP A 8 4.55 17.75 -3.51
C ASP A 8 3.21 17.10 -3.17
N GLU A 9 2.12 17.74 -3.57
CA GLU A 9 0.79 17.22 -3.27
C GLU A 9 0.58 15.85 -3.91
N VAL A 10 0.96 15.72 -5.18
CA VAL A 10 0.81 14.47 -5.89
C VAL A 10 1.85 13.46 -5.43
N ALA A 11 2.99 13.97 -4.97
CA ALA A 11 4.07 13.11 -4.51
C ALA A 11 3.60 12.27 -3.32
N LEU A 12 2.90 12.90 -2.40
CA LEU A 12 2.38 12.21 -1.23
C LEU A 12 1.16 11.38 -1.59
N GLU A 13 0.38 11.88 -2.53
CA GLU A 13 -0.83 11.18 -2.93
C GLU A 13 -0.52 9.79 -3.48
N ARG A 14 0.47 9.71 -4.37
CA ARG A 14 0.85 8.43 -4.96
C ARG A 14 1.53 7.54 -3.92
N LEU A 15 2.36 8.16 -3.07
CA LEU A 15 3.07 7.42 -2.04
C LEU A 15 2.08 6.79 -1.06
N LYS A 16 1.04 7.53 -0.73
CA LYS A 16 0.03 7.05 0.19
C LYS A 16 -0.78 5.92 -0.44
N ASN A 17 -1.06 6.04 -1.74
CA ASN A 17 -1.82 5.03 -2.43
C ASN A 17 -1.07 3.71 -2.44
N GLU A 18 0.24 3.78 -2.63
CA GLU A 18 1.06 2.57 -2.65
C GLU A 18 1.04 1.89 -1.29
N ARG A 19 1.13 2.68 -0.25
CA ARG A 19 1.11 2.16 1.12
C ARG A 19 -0.20 1.46 1.41
N HIS A 20 -1.30 2.07 0.96
CA HIS A 20 -2.62 1.50 1.17
C HIS A 20 -2.72 0.11 0.53
N VAL A 21 -2.25 0.00 -0.71
CA VAL A 21 -2.28 -1.27 -1.41
C VAL A 21 -1.45 -2.31 -0.69
N HIS A 22 -0.26 -1.91 -0.27
CA HIS A 22 0.64 -2.82 0.44
C HIS A 22 -0.01 -3.32 1.73
N ASP A 23 -0.71 -2.42 2.42
CA ASP A 23 -1.35 -2.77 3.68
C ASP A 23 -2.41 -3.86 3.45
N GLU A 24 -3.15 -3.72 2.36
CA GLU A 24 -4.18 -4.69 2.02
C GLU A 24 -3.58 -5.99 1.52
N GLU A 25 -2.41 -5.88 0.93
CA GLU A 25 -1.73 -7.07 0.39
C GLU A 25 -1.33 -8.03 1.51
N VAL A 26 -0.82 -7.46 2.61
CA VAL A 26 -0.38 -8.24 3.73
C VAL A 26 -1.58 -8.76 4.53
N GLU A 27 -2.67 -8.01 4.50
CA GLU A 27 -3.87 -8.42 5.22
C GLU A 27 -4.53 -9.60 4.54
N LEU A 28 -4.53 -9.56 3.22
CA LEU A 28 -5.11 -10.64 2.43
C LEU A 28 -4.29 -11.91 2.57
N GLU A 29 -2.98 -11.75 2.64
CA GLU A 29 -2.09 -12.90 2.76
C GLU A 29 -2.37 -13.62 4.08
N ARG A 30 -2.54 -12.83 5.14
CA ARG A 30 -2.82 -13.38 6.46
C ARG A 30 -4.12 -14.16 6.44
N LEU A 31 -5.13 -13.59 5.78
CA LEU A 31 -6.43 -14.24 5.69
C LEU A 31 -6.30 -15.58 4.98
N LYS A 32 -5.56 -15.58 3.87
CA LYS A 32 -5.36 -16.81 3.11
C LYS A 32 -4.67 -17.86 3.96
N ASN A 33 -3.73 -17.42 4.78
CA ASN A 33 -2.99 -18.33 5.64
C ASN A 33 -3.88 -18.85 6.77
N GLU A 34 -4.77 -17.99 7.24
CA GLU A 34 -5.65 -18.36 8.34
C GLU A 34 -6.56 -19.54 7.95
N ARG A 35 -7.19 -19.43 6.78
CA ARG A 35 -8.07 -20.48 6.31
C ARG A 35 -7.28 -21.72 5.93
N HIS A 36 -6.08 -21.52 5.41
CA HIS A 36 -5.23 -22.62 5.01
C HIS A 36 -4.73 -23.38 6.24
N ASP A 37 -4.42 -22.65 7.30
CA ASP A 37 -3.92 -23.27 8.52
C ASP A 37 -5.07 -23.63 9.44
N HIS A 38 -6.29 -23.25 9.03
CA HIS A 38 -7.49 -23.54 9.83
C HIS A 38 -8.40 -24.49 9.09
N ASP A 39 -7.85 -25.17 8.09
CA ASP A 39 -8.63 -26.13 7.30
C ASP A 39 -9.12 -27.28 8.18
N TYR A 40 -8.28 -27.67 9.14
CA TYR A 40 -8.62 -28.76 10.05
C TYR A 40 -9.62 -28.29 11.10
N GLY A 1 4.98 33.35 -7.77
CA GLY A 1 3.96 32.36 -7.32
C GLY A 1 4.27 31.90 -5.90
N SER A 2 4.30 32.85 -4.97
CA SER A 2 4.59 32.53 -3.58
C SER A 2 3.48 31.66 -2.99
N VAL A 3 2.33 31.66 -3.64
CA VAL A 3 1.20 30.87 -3.16
C VAL A 3 1.58 29.39 -3.06
N LYS A 4 2.53 28.97 -3.89
CA LYS A 4 2.98 27.59 -3.89
C LYS A 4 4.44 27.50 -4.30
N LYS A 5 5.09 26.41 -3.92
CA LYS A 5 6.50 26.21 -4.25
C LYS A 5 6.87 24.74 -4.13
N LEU A 6 6.14 24.01 -3.30
CA LEU A 6 6.41 22.58 -3.09
C LEU A 6 5.37 21.74 -3.83
N ASN A 7 5.44 21.78 -5.16
CA ASN A 7 4.51 21.01 -5.97
C ASN A 7 4.78 19.52 -5.81
N ASP A 8 6.00 19.19 -5.38
CA ASP A 8 6.39 17.80 -5.17
C ASP A 8 5.54 17.15 -4.09
N GLU A 9 4.83 17.97 -3.33
CA GLU A 9 3.99 17.48 -2.25
C GLU A 9 2.93 16.53 -2.80
N VAL A 10 2.46 16.81 -4.00
CA VAL A 10 1.44 15.96 -4.62
C VAL A 10 2.02 14.60 -4.96
N ALA A 11 3.27 14.61 -5.41
CA ALA A 11 3.94 13.36 -5.78
C ALA A 11 4.07 12.45 -4.56
N LEU A 12 4.43 13.05 -3.43
CA LEU A 12 4.59 12.27 -2.20
C LEU A 12 3.25 11.67 -1.78
N GLU A 13 2.18 12.43 -1.94
CA GLU A 13 0.86 11.96 -1.56
C GLU A 13 0.47 10.74 -2.38
N ARG A 14 0.77 10.78 -3.67
CA ARG A 14 0.42 9.68 -4.55
C ARG A 14 1.08 8.39 -4.09
N LEU A 15 2.37 8.46 -3.79
CA LEU A 15 3.11 7.29 -3.31
C LEU A 15 2.60 6.86 -1.94
N LYS A 16 2.23 7.83 -1.12
CA LYS A 16 1.74 7.54 0.22
C LYS A 16 0.48 6.68 0.14
N ASN A 17 -0.42 7.02 -0.77
CA ASN A 17 -1.66 6.28 -0.92
C ASN A 17 -1.38 4.87 -1.43
N GLU A 18 -0.42 4.77 -2.34
CA GLU A 18 -0.07 3.47 -2.92
C GLU A 18 0.45 2.52 -1.83
N ARG A 19 1.28 3.06 -0.95
CA ARG A 19 1.83 2.23 0.14
C ARG A 19 0.70 1.72 1.01
N HIS A 20 -0.28 2.58 1.27
CA HIS A 20 -1.42 2.20 2.07
C HIS A 20 -2.21 1.09 1.37
N VAL A 21 -2.36 1.23 0.05
CA VAL A 21 -3.08 0.25 -0.73
C VAL A 21 -2.32 -1.07 -0.79
N HIS A 22 -1.01 -0.97 -1.02
CA HIS A 22 -0.16 -2.14 -1.11
C HIS A 22 -0.17 -2.91 0.21
N ASP A 23 -0.38 -2.19 1.30
CA ASP A 23 -0.41 -2.81 2.62
C ASP A 23 -1.46 -3.92 2.66
N GLU A 24 -2.53 -3.74 1.90
CA GLU A 24 -3.60 -4.74 1.86
C GLU A 24 -3.04 -6.13 1.57
N GLU A 25 -1.86 -6.17 0.95
CA GLU A 25 -1.22 -7.45 0.62
C GLU A 25 -1.00 -8.28 1.88
N VAL A 26 -0.61 -7.61 2.96
CA VAL A 26 -0.36 -8.30 4.23
C VAL A 26 -1.64 -8.95 4.73
N GLU A 27 -2.76 -8.28 4.50
CA GLU A 27 -4.05 -8.78 4.96
C GLU A 27 -4.40 -10.07 4.25
N LEU A 28 -4.13 -10.11 2.96
CA LEU A 28 -4.42 -11.30 2.16
C LEU A 28 -3.57 -12.47 2.62
N GLU A 29 -2.33 -12.20 2.98
CA GLU A 29 -1.43 -13.26 3.43
C GLU A 29 -1.98 -13.91 4.69
N ARG A 30 -2.39 -13.08 5.64
CA ARG A 30 -2.93 -13.59 6.89
C ARG A 30 -4.24 -14.33 6.66
N LEU A 31 -5.06 -13.77 5.78
CA LEU A 31 -6.36 -14.38 5.49
C LEU A 31 -6.15 -15.77 4.90
N LYS A 32 -5.21 -15.90 3.98
CA LYS A 32 -4.95 -17.17 3.36
C LYS A 32 -4.53 -18.20 4.41
N ASN A 33 -3.72 -17.76 5.37
CA ASN A 33 -3.27 -18.66 6.43
C ASN A 33 -4.44 -19.14 7.28
N GLU A 34 -5.36 -18.23 7.57
CA GLU A 34 -6.51 -18.58 8.38
C GLU A 34 -7.39 -19.59 7.66
N ARG A 35 -7.57 -19.39 6.36
CA ARG A 35 -8.37 -20.29 5.55
C ARG A 35 -7.73 -21.68 5.49
N HIS A 36 -6.41 -21.72 5.38
CA HIS A 36 -5.69 -22.97 5.32
C HIS A 36 -5.89 -23.77 6.61
N ASP A 37 -5.86 -23.07 7.73
CA ASP A 37 -6.04 -23.72 9.02
C ASP A 37 -7.42 -24.35 9.12
N HIS A 38 -8.43 -23.66 8.59
CA HIS A 38 -9.78 -24.17 8.64
C HIS A 38 -9.98 -25.33 7.67
N ASP A 39 -9.17 -25.35 6.62
CA ASP A 39 -9.25 -26.41 5.62
C ASP A 39 -8.73 -27.72 6.21
N TYR A 40 -7.72 -27.63 7.06
CA TYR A 40 -7.13 -28.82 7.68
C TYR A 40 -7.76 -29.09 9.05
N GLY A 1 10.95 31.96 -6.16
CA GLY A 1 10.01 31.16 -7.01
C GLY A 1 8.81 30.74 -6.16
N SER A 2 7.94 31.69 -5.85
CA SER A 2 6.77 31.40 -5.04
C SER A 2 5.74 30.64 -5.87
N VAL A 3 5.22 29.55 -5.31
CA VAL A 3 4.22 28.74 -6.01
C VAL A 3 3.53 27.79 -5.05
N LYS A 4 4.27 27.34 -4.03
CA LYS A 4 3.71 26.43 -3.04
C LYS A 4 3.14 25.19 -3.71
N LYS A 5 3.93 24.56 -4.57
CA LYS A 5 3.48 23.36 -5.28
C LYS A 5 4.69 22.54 -5.74
N LEU A 6 5.61 22.26 -4.80
CA LEU A 6 6.79 21.49 -5.14
C LEU A 6 6.41 20.05 -5.48
N ASN A 7 7.09 19.48 -6.47
CA ASN A 7 6.81 18.11 -6.90
C ASN A 7 7.16 17.13 -5.79
N ASP A 8 7.95 17.60 -4.83
CA ASP A 8 8.35 16.76 -3.72
C ASP A 8 7.12 16.29 -2.95
N GLU A 9 6.14 17.18 -2.81
CA GLU A 9 4.91 16.84 -2.09
C GLU A 9 4.16 15.73 -2.82
N VAL A 10 4.16 15.77 -4.15
CA VAL A 10 3.49 14.78 -4.94
C VAL A 10 4.18 13.42 -4.76
N ALA A 11 5.51 13.43 -4.68
CA ALA A 11 6.25 12.17 -4.51
C ALA A 11 5.86 11.48 -3.20
N LEU A 12 5.71 12.28 -2.14
CA LEU A 12 5.34 11.73 -0.84
C LEU A 12 3.94 11.11 -0.90
N GLU A 13 3.04 11.74 -1.65
CA GLU A 13 1.67 11.23 -1.77
C GLU A 13 1.68 9.87 -2.46
N ARG A 14 2.50 9.74 -3.49
CA ARG A 14 2.60 8.48 -4.23
C ARG A 14 3.16 7.38 -3.34
N LEU A 15 4.14 7.74 -2.52
CA LEU A 15 4.75 6.77 -1.63
C LEU A 15 3.70 6.21 -0.67
N LYS A 16 2.81 7.07 -0.18
CA LYS A 16 1.77 6.62 0.73
C LYS A 16 0.80 5.68 0.02
N ASN A 17 0.49 5.97 -1.24
CA ASN A 17 -0.43 5.14 -2.00
C ASN A 17 0.16 3.75 -2.21
N GLU A 18 1.47 3.68 -2.45
CA GLU A 18 2.14 2.40 -2.68
C GLU A 18 2.04 1.53 -1.43
N ARG A 19 2.24 2.14 -0.27
CA ARG A 19 2.17 1.40 0.99
C ARG A 19 0.77 0.85 1.21
N HIS A 20 -0.24 1.63 0.86
CA HIS A 20 -1.63 1.20 1.02
C HIS A 20 -1.88 -0.07 0.21
N VAL A 21 -1.41 -0.10 -1.03
CA VAL A 21 -1.60 -1.25 -1.88
C VAL A 21 -0.91 -2.47 -1.28
N HIS A 22 0.33 -2.28 -0.80
CA HIS A 22 1.07 -3.38 -0.20
C HIS A 22 0.38 -3.87 1.07
N ASP A 23 -0.21 -2.92 1.83
CA ASP A 23 -0.89 -3.28 3.07
C ASP A 23 -2.06 -4.22 2.78
N GLU A 24 -2.78 -3.95 1.70
CA GLU A 24 -3.91 -4.79 1.34
C GLU A 24 -3.42 -6.16 0.84
N GLU A 25 -2.30 -6.16 0.12
CA GLU A 25 -1.72 -7.40 -0.41
C GLU A 25 -1.33 -8.37 0.72
N VAL A 26 -0.76 -7.83 1.81
CA VAL A 26 -0.36 -8.68 2.94
C VAL A 26 -1.57 -9.08 3.77
N GLU A 27 -2.58 -8.21 3.80
CA GLU A 27 -3.79 -8.47 4.55
C GLU A 27 -4.49 -9.73 4.04
N LEU A 28 -4.52 -9.88 2.72
CA LEU A 28 -5.14 -11.05 2.12
C LEU A 28 -4.36 -12.32 2.47
N GLU A 29 -3.03 -12.19 2.51
CA GLU A 29 -2.19 -13.35 2.83
C GLU A 29 -2.49 -13.85 4.24
N ARG A 30 -2.66 -12.93 5.17
CA ARG A 30 -2.94 -13.28 6.55
C ARG A 30 -4.28 -14.01 6.65
N LEU A 31 -5.27 -13.55 5.90
CA LEU A 31 -6.58 -14.18 5.91
C LEU A 31 -6.49 -15.61 5.38
N LYS A 32 -5.69 -15.79 4.33
CA LYS A 32 -5.51 -17.12 3.75
C LYS A 32 -4.85 -18.05 4.77
N ASN A 33 -3.91 -17.51 5.53
CA ASN A 33 -3.19 -18.31 6.52
C ASN A 33 -4.16 -18.85 7.58
N GLU A 34 -5.09 -18.01 8.00
CA GLU A 34 -6.08 -18.41 9.00
C GLU A 34 -6.96 -19.54 8.45
N ARG A 35 -7.34 -19.41 7.18
CA ARG A 35 -8.18 -20.42 6.55
C ARG A 35 -7.42 -21.75 6.46
N HIS A 36 -6.13 -21.68 6.19
CA HIS A 36 -5.30 -22.88 6.09
C HIS A 36 -5.24 -23.60 7.45
N ASP A 37 -5.21 -22.83 8.53
CA ASP A 37 -5.14 -23.40 9.87
C ASP A 37 -6.33 -24.32 10.14
N HIS A 38 -7.42 -24.12 9.41
CA HIS A 38 -8.61 -24.93 9.60
C HIS A 38 -8.39 -26.34 9.08
N ASP A 39 -7.28 -26.55 8.37
CA ASP A 39 -6.97 -27.86 7.82
C ASP A 39 -6.68 -28.85 8.95
N TYR A 40 -6.39 -28.32 10.13
CA TYR A 40 -6.08 -29.17 11.28
C TYR A 40 -5.01 -30.19 10.92
N GLY A 1 17.67 27.95 -2.24
CA GLY A 1 16.77 29.14 -2.24
C GLY A 1 16.01 29.21 -3.55
N SER A 2 15.66 28.04 -4.08
CA SER A 2 14.93 27.97 -5.34
C SER A 2 13.55 28.59 -5.18
N VAL A 3 13.14 29.39 -6.18
CA VAL A 3 11.83 30.04 -6.14
C VAL A 3 10.73 29.02 -6.42
N LYS A 4 11.10 27.90 -7.03
CA LYS A 4 10.13 26.86 -7.36
C LYS A 4 9.70 26.12 -6.10
N LYS A 5 8.42 25.79 -6.02
CA LYS A 5 7.90 25.09 -4.85
C LYS A 5 8.29 23.60 -4.90
N LEU A 6 8.46 22.96 -3.75
CA LEU A 6 8.83 21.55 -3.72
C LEU A 6 7.78 20.71 -4.45
N ASN A 7 7.95 20.58 -5.75
CA ASN A 7 7.02 19.79 -6.55
C ASN A 7 7.05 18.33 -6.11
N ASP A 8 8.24 17.84 -5.78
CA ASP A 8 8.40 16.45 -5.34
C ASP A 8 7.52 16.18 -4.13
N GLU A 9 7.09 17.24 -3.48
CA GLU A 9 6.24 17.12 -2.30
C GLU A 9 4.99 16.30 -2.62
N VAL A 10 4.48 16.46 -3.85
CA VAL A 10 3.30 15.73 -4.27
C VAL A 10 3.60 14.24 -4.38
N ALA A 11 4.84 13.93 -4.78
CA ALA A 11 5.24 12.54 -4.94
C ALA A 11 5.16 11.80 -3.61
N LEU A 12 5.65 12.44 -2.56
CA LEU A 12 5.62 11.85 -1.23
C LEU A 12 4.18 11.67 -0.76
N GLU A 13 3.34 12.64 -1.06
CA GLU A 13 1.94 12.57 -0.66
C GLU A 13 1.26 11.38 -1.31
N ARG A 14 1.51 11.20 -2.60
CA ARG A 14 0.91 10.09 -3.33
C ARG A 14 1.39 8.76 -2.77
N LEU A 15 2.65 8.72 -2.36
CA LEU A 15 3.24 7.49 -1.82
C LEU A 15 2.26 6.81 -0.86
N LYS A 16 1.34 7.58 -0.31
CA LYS A 16 0.37 7.04 0.63
C LYS A 16 -0.45 5.93 -0.03
N ASN A 17 -0.69 6.08 -1.32
CA ASN A 17 -1.45 5.08 -2.06
C ASN A 17 -0.69 3.76 -2.11
N GLU A 18 0.63 3.86 -2.28
CA GLU A 18 1.48 2.67 -2.35
C GLU A 18 1.45 1.93 -1.03
N ARG A 19 1.45 2.67 0.07
CA ARG A 19 1.43 2.08 1.39
C ARG A 19 0.10 1.39 1.66
N HIS A 20 -1.00 2.04 1.24
CA HIS A 20 -2.33 1.48 1.47
C HIS A 20 -2.50 0.14 0.79
N VAL A 21 -2.16 0.09 -0.49
CA VAL A 21 -2.25 -1.15 -1.26
C VAL A 21 -1.30 -2.20 -0.71
N HIS A 22 -0.18 -1.74 -0.14
CA HIS A 22 0.80 -2.65 0.42
C HIS A 22 0.24 -3.37 1.64
N ASP A 23 -0.51 -2.64 2.46
CA ASP A 23 -1.11 -3.22 3.66
C ASP A 23 -2.13 -4.27 3.27
N GLU A 24 -2.91 -3.97 2.24
CA GLU A 24 -3.94 -4.90 1.76
C GLU A 24 -3.29 -6.15 1.17
N GLU A 25 -2.19 -5.96 0.46
CA GLU A 25 -1.50 -7.08 -0.17
C GLU A 25 -1.02 -8.07 0.91
N VAL A 26 -0.56 -7.54 2.03
CA VAL A 26 -0.07 -8.38 3.12
C VAL A 26 -1.23 -8.94 3.93
N GLU A 27 -2.24 -8.11 4.13
CA GLU A 27 -3.40 -8.54 4.92
C GLU A 27 -4.10 -9.72 4.23
N LEU A 28 -4.23 -9.64 2.91
CA LEU A 28 -4.87 -10.70 2.16
C LEU A 28 -4.12 -12.01 2.34
N GLU A 29 -2.80 -11.91 2.42
CA GLU A 29 -1.98 -13.10 2.60
C GLU A 29 -2.22 -13.73 3.97
N ARG A 30 -2.33 -12.88 4.98
CA ARG A 30 -2.57 -13.37 6.34
C ARG A 30 -3.92 -14.07 6.44
N LEU A 31 -4.92 -13.50 5.77
CA LEU A 31 -6.26 -14.07 5.80
C LEU A 31 -6.26 -15.46 5.16
N LYS A 32 -5.54 -15.60 4.07
CA LYS A 32 -5.45 -16.88 3.38
C LYS A 32 -4.84 -17.92 4.30
N ASN A 33 -3.82 -17.52 5.06
CA ASN A 33 -3.15 -18.44 5.96
C ASN A 33 -4.10 -18.92 7.05
N GLU A 34 -4.89 -18.00 7.58
CA GLU A 34 -5.84 -18.33 8.62
C GLU A 34 -6.87 -19.33 8.12
N ARG A 35 -7.32 -19.12 6.89
CA ARG A 35 -8.30 -20.02 6.28
C ARG A 35 -7.65 -21.35 5.90
N HIS A 36 -6.37 -21.29 5.58
CA HIS A 36 -5.62 -22.48 5.18
C HIS A 36 -5.60 -23.51 6.31
N ASP A 37 -5.39 -23.03 7.55
CA ASP A 37 -5.34 -23.92 8.69
C ASP A 37 -6.72 -24.48 9.02
N HIS A 38 -7.75 -23.84 8.46
CA HIS A 38 -9.12 -24.27 8.71
C HIS A 38 -9.62 -25.14 7.55
N ASP A 39 -9.01 -24.96 6.38
CA ASP A 39 -9.38 -25.74 5.21
C ASP A 39 -8.81 -27.15 5.30
N TYR A 40 -7.64 -27.27 5.94
CA TYR A 40 -6.97 -28.57 6.10
C TYR A 40 -7.15 -29.10 7.51
N GLY A 1 8.15 25.38 -10.64
CA GLY A 1 7.70 23.98 -10.51
C GLY A 1 7.85 23.52 -9.06
N SER A 2 9.05 23.10 -8.71
CA SER A 2 9.31 22.63 -7.35
C SER A 2 9.08 23.76 -6.35
N VAL A 3 9.46 24.98 -6.73
CA VAL A 3 9.30 26.14 -5.85
C VAL A 3 7.87 26.20 -5.30
N LYS A 4 6.91 25.74 -6.09
CA LYS A 4 5.51 25.76 -5.65
C LYS A 4 5.32 24.80 -4.48
N LYS A 5 6.17 23.78 -4.42
CA LYS A 5 6.09 22.78 -3.35
C LYS A 5 4.93 21.81 -3.62
N LEU A 6 4.03 22.20 -4.50
CA LEU A 6 2.88 21.36 -4.82
C LEU A 6 3.35 20.05 -5.42
N ASN A 7 4.39 20.12 -6.26
CA ASN A 7 4.93 18.92 -6.89
C ASN A 7 5.45 17.96 -5.83
N ASP A 8 6.09 18.50 -4.80
CA ASP A 8 6.61 17.66 -3.72
C ASP A 8 5.47 17.07 -2.88
N GLU A 9 4.48 17.91 -2.58
CA GLU A 9 3.33 17.48 -1.76
C GLU A 9 2.56 16.35 -2.44
N VAL A 10 2.33 16.46 -3.74
CA VAL A 10 1.61 15.43 -4.47
C VAL A 10 2.48 14.20 -4.64
N ALA A 11 3.77 14.42 -4.84
CA ALA A 11 4.70 13.30 -5.01
C ALA A 11 4.70 12.42 -3.76
N LEU A 12 4.73 13.05 -2.60
CA LEU A 12 4.74 12.31 -1.34
C LEU A 12 3.44 11.54 -1.18
N GLU A 13 2.33 12.15 -1.60
CA GLU A 13 1.04 11.49 -1.49
C GLU A 13 1.01 10.23 -2.34
N ARG A 14 1.62 10.30 -3.52
CA ARG A 14 1.66 9.14 -4.41
C ARG A 14 2.34 7.96 -3.74
N LEU A 15 3.47 8.22 -3.09
CA LEU A 15 4.21 7.17 -2.41
C LEU A 15 3.37 6.58 -1.28
N LYS A 16 2.62 7.43 -0.58
CA LYS A 16 1.78 6.97 0.52
C LYS A 16 0.70 6.04 0.00
N ASN A 17 0.14 6.36 -1.17
CA ASN A 17 -0.89 5.53 -1.75
C ASN A 17 -0.35 4.15 -2.12
N GLU A 18 0.88 4.12 -2.61
CA GLU A 18 1.51 2.85 -3.00
C GLU A 18 1.66 1.95 -1.79
N ARG A 19 2.10 2.51 -0.67
CA ARG A 19 2.28 1.74 0.55
C ARG A 19 0.94 1.20 1.05
N HIS A 20 -0.09 2.02 0.93
CA HIS A 20 -1.42 1.61 1.37
C HIS A 20 -1.90 0.38 0.60
N VAL A 21 -1.69 0.39 -0.71
CA VAL A 21 -2.10 -0.72 -1.54
C VAL A 21 -1.33 -1.99 -1.14
N HIS A 22 -0.02 -1.85 -0.94
CA HIS A 22 0.81 -2.97 -0.55
C HIS A 22 0.35 -3.53 0.81
N ASP A 23 -0.01 -2.64 1.73
CA ASP A 23 -0.45 -3.06 3.05
C ASP A 23 -1.71 -3.92 2.94
N GLU A 24 -2.61 -3.54 2.05
CA GLU A 24 -3.86 -4.28 1.85
C GLU A 24 -3.56 -5.69 1.34
N GLU A 25 -2.58 -5.79 0.43
CA GLU A 25 -2.20 -7.10 -0.13
C GLU A 25 -1.68 -8.03 0.97
N VAL A 26 -0.92 -7.47 1.92
CA VAL A 26 -0.38 -8.26 3.02
C VAL A 26 -1.51 -8.74 3.93
N GLU A 27 -2.46 -7.85 4.18
CA GLU A 27 -3.58 -8.19 5.05
C GLU A 27 -4.37 -9.38 4.48
N LEU A 28 -4.60 -9.35 3.18
CA LEU A 28 -5.32 -10.43 2.54
C LEU A 28 -4.54 -11.74 2.67
N GLU A 29 -3.22 -11.67 2.51
CA GLU A 29 -2.39 -12.87 2.61
C GLU A 29 -2.52 -13.50 3.99
N ARG A 30 -2.49 -12.65 5.02
CA ARG A 30 -2.61 -13.14 6.38
C ARG A 30 -3.95 -13.81 6.61
N LEU A 31 -5.01 -13.21 6.06
CA LEU A 31 -6.35 -13.76 6.22
C LEU A 31 -6.42 -15.17 5.67
N LYS A 32 -5.73 -15.40 4.55
CA LYS A 32 -5.74 -16.70 3.92
C LYS A 32 -5.20 -17.77 4.88
N ASN A 33 -4.49 -17.34 5.92
CA ASN A 33 -3.93 -18.26 6.88
C ASN A 33 -5.03 -19.15 7.48
N GLU A 34 -6.27 -18.68 7.41
CA GLU A 34 -7.39 -19.43 7.94
C GLU A 34 -7.51 -20.77 7.21
N ARG A 35 -7.29 -20.75 5.91
CA ARG A 35 -7.37 -21.97 5.11
C ARG A 35 -6.32 -22.98 5.58
N HIS A 36 -5.13 -22.48 5.92
CA HIS A 36 -4.05 -23.36 6.39
C HIS A 36 -4.45 -24.03 7.70
N ASP A 37 -5.13 -23.29 8.57
CA ASP A 37 -5.56 -23.83 9.85
C ASP A 37 -6.65 -24.89 9.66
N HIS A 38 -7.53 -24.66 8.68
CA HIS A 38 -8.62 -25.59 8.41
C HIS A 38 -8.09 -26.88 7.80
N ASP A 39 -6.92 -26.78 7.18
CA ASP A 39 -6.30 -27.96 6.58
C ASP A 39 -6.00 -29.01 7.64
N TYR A 40 -5.77 -28.55 8.87
CA TYR A 40 -5.47 -29.47 9.97
C TYR A 40 -5.49 -28.74 11.31
N GLY A 1 1.60 25.72 -10.13
CA GLY A 1 3.07 25.75 -10.37
C GLY A 1 3.70 24.49 -9.77
N SER A 2 4.29 23.67 -10.64
CA SER A 2 4.94 22.44 -10.19
C SER A 2 6.08 22.76 -9.24
N VAL A 3 6.90 23.74 -9.62
CA VAL A 3 8.02 24.14 -8.79
C VAL A 3 7.54 24.86 -7.53
N LYS A 4 6.38 25.51 -7.64
CA LYS A 4 5.82 26.24 -6.51
C LYS A 4 5.57 25.31 -5.32
N LYS A 5 4.95 24.17 -5.60
CA LYS A 5 4.65 23.19 -4.55
C LYS A 5 5.75 22.13 -4.48
N LEU A 6 6.67 22.19 -5.43
CA LEU A 6 7.78 21.22 -5.48
C LEU A 6 7.23 19.81 -5.72
N ASN A 7 7.97 19.05 -6.52
CA ASN A 7 7.58 17.68 -6.84
C ASN A 7 7.87 16.75 -5.66
N ASP A 8 8.66 17.23 -4.70
CA ASP A 8 9.01 16.41 -3.54
C ASP A 8 7.75 15.99 -2.80
N GLU A 9 6.80 16.90 -2.67
CA GLU A 9 5.55 16.59 -1.98
C GLU A 9 4.76 15.54 -2.76
N VAL A 10 4.79 15.63 -4.09
CA VAL A 10 4.09 14.68 -4.92
C VAL A 10 4.69 13.29 -4.76
N ALA A 11 6.02 13.21 -4.64
CA ALA A 11 6.70 11.92 -4.49
C ALA A 11 6.25 11.24 -3.20
N LEU A 12 6.12 12.02 -2.13
CA LEU A 12 5.71 11.47 -0.85
C LEU A 12 4.28 10.91 -0.94
N GLU A 13 3.42 11.59 -1.68
CA GLU A 13 2.04 11.14 -1.82
C GLU A 13 1.97 9.79 -2.52
N ARG A 14 2.80 9.63 -3.55
CA ARG A 14 2.83 8.37 -4.29
C ARG A 14 3.27 7.22 -3.39
N LEU A 15 4.23 7.48 -2.53
CA LEU A 15 4.74 6.46 -1.61
C LEU A 15 3.63 6.03 -0.65
N LYS A 16 2.80 6.98 -0.22
CA LYS A 16 1.71 6.68 0.70
C LYS A 16 0.69 5.74 0.04
N ASN A 17 0.42 5.98 -1.24
CA ASN A 17 -0.52 5.15 -1.98
C ASN A 17 -0.01 3.71 -2.09
N GLU A 18 1.29 3.58 -2.33
CA GLU A 18 1.90 2.25 -2.46
C GLU A 18 1.76 1.47 -1.15
N ARG A 19 1.97 2.16 -0.04
CA ARG A 19 1.87 1.52 1.27
C ARG A 19 0.46 1.00 1.49
N HIS A 20 -0.54 1.78 1.12
CA HIS A 20 -1.93 1.36 1.28
C HIS A 20 -2.21 0.11 0.46
N VAL A 21 -1.69 0.07 -0.76
CA VAL A 21 -1.86 -1.09 -1.61
C VAL A 21 -1.21 -2.31 -0.96
N HIS A 22 0.00 -2.11 -0.47
CA HIS A 22 0.73 -3.19 0.20
C HIS A 22 -0.05 -3.68 1.41
N ASP A 23 -0.68 -2.75 2.13
CA ASP A 23 -1.47 -3.12 3.30
C ASP A 23 -2.62 -4.04 2.90
N GLU A 24 -3.24 -3.74 1.75
CA GLU A 24 -4.36 -4.56 1.28
C GLU A 24 -3.91 -5.99 1.00
N GLU A 25 -2.73 -6.14 0.39
CA GLU A 25 -2.19 -7.47 0.09
C GLU A 25 -1.96 -8.26 1.38
N VAL A 26 -1.53 -7.58 2.44
CA VAL A 26 -1.30 -8.22 3.73
C VAL A 26 -2.60 -8.77 4.27
N GLU A 27 -3.68 -8.00 4.11
CA GLU A 27 -4.99 -8.43 4.62
C GLU A 27 -5.41 -9.75 3.96
N LEU A 28 -5.26 -9.83 2.63
CA LEU A 28 -5.62 -11.05 1.92
C LEU A 28 -4.69 -12.20 2.32
N GLU A 29 -3.41 -11.88 2.52
CA GLU A 29 -2.43 -12.90 2.90
C GLU A 29 -2.77 -13.49 4.26
N ARG A 30 -3.16 -12.62 5.19
CA ARG A 30 -3.50 -13.07 6.54
C ARG A 30 -4.67 -14.06 6.48
N LEU A 31 -5.68 -13.74 5.68
CA LEU A 31 -6.85 -14.62 5.56
C LEU A 31 -6.42 -15.98 5.02
N LYS A 32 -5.61 -15.95 3.96
CA LYS A 32 -5.14 -17.17 3.35
C LYS A 32 -4.31 -17.99 4.34
N ASN A 33 -3.50 -17.29 5.14
CA ASN A 33 -2.66 -17.95 6.13
C ASN A 33 -3.52 -18.69 7.15
N GLU A 34 -4.60 -18.05 7.59
CA GLU A 34 -5.49 -18.67 8.57
C GLU A 34 -6.10 -19.95 8.00
N ARG A 35 -6.54 -19.88 6.75
CA ARG A 35 -7.13 -21.05 6.11
C ARG A 35 -6.11 -22.17 5.99
N HIS A 36 -4.87 -21.80 5.72
CA HIS A 36 -3.81 -22.80 5.58
C HIS A 36 -3.61 -23.57 6.89
N ASP A 37 -3.72 -22.86 8.02
CA ASP A 37 -3.55 -23.50 9.33
C ASP A 37 -4.82 -24.22 9.76
N HIS A 38 -5.96 -23.71 9.30
CA HIS A 38 -7.26 -24.32 9.64
C HIS A 38 -7.42 -25.66 8.94
N ASP A 39 -6.69 -25.83 7.83
CA ASP A 39 -6.76 -27.08 7.09
C ASP A 39 -6.30 -28.25 7.97
N TYR A 40 -5.41 -27.96 8.93
CA TYR A 40 -4.91 -29.00 9.83
C TYR A 40 -5.79 -29.11 11.07
N GLY A 1 9.20 30.09 -7.55
CA GLY A 1 8.73 30.70 -6.28
C GLY A 1 7.67 29.81 -5.64
N SER A 2 8.11 28.65 -5.14
CA SER A 2 7.19 27.71 -4.51
C SER A 2 6.04 27.37 -5.45
N VAL A 3 6.31 27.42 -6.76
CA VAL A 3 5.29 27.10 -7.77
C VAL A 3 5.39 25.63 -8.19
N LYS A 4 6.61 25.08 -8.13
CA LYS A 4 6.83 23.68 -8.50
C LYS A 4 7.78 23.01 -7.51
N LYS A 5 8.55 23.82 -6.80
CA LYS A 5 9.50 23.29 -5.83
C LYS A 5 8.78 22.55 -4.71
N LEU A 6 7.58 23.04 -4.34
CA LEU A 6 6.80 22.43 -3.26
C LEU A 6 5.54 21.78 -3.82
N ASN A 7 4.95 22.41 -4.83
CA ASN A 7 3.73 21.88 -5.43
C ASN A 7 3.97 20.47 -5.99
N ASP A 8 5.13 20.27 -6.60
CA ASP A 8 5.47 18.97 -7.17
C ASP A 8 5.40 17.88 -6.10
N GLU A 9 5.36 18.30 -4.86
CA GLU A 9 5.30 17.37 -3.73
C GLU A 9 4.04 16.52 -3.83
N VAL A 10 2.96 17.13 -4.29
CA VAL A 10 1.70 16.40 -4.42
C VAL A 10 1.87 15.21 -5.37
N ALA A 11 2.63 15.44 -6.43
CA ALA A 11 2.86 14.37 -7.42
C ALA A 11 3.62 13.22 -6.78
N LEU A 12 4.62 13.56 -5.97
CA LEU A 12 5.42 12.54 -5.29
C LEU A 12 4.58 11.80 -4.25
N GLU A 13 3.70 12.52 -3.57
CA GLU A 13 2.85 11.92 -2.56
C GLU A 13 1.95 10.85 -3.17
N ARG A 14 1.39 11.16 -4.33
CA ARG A 14 0.52 10.21 -5.01
C ARG A 14 1.31 8.97 -5.43
N LEU A 15 2.53 9.19 -5.87
CA LEU A 15 3.39 8.07 -6.29
C LEU A 15 3.67 7.15 -5.12
N LYS A 16 3.86 7.73 -3.93
CA LYS A 16 4.16 6.94 -2.73
C LYS A 16 2.87 6.53 -2.03
N ASN A 17 1.77 7.17 -2.41
CA ASN A 17 0.47 6.88 -1.83
C ASN A 17 0.10 5.42 -2.09
N GLU A 18 0.63 4.88 -3.17
CA GLU A 18 0.35 3.50 -3.54
C GLU A 18 0.77 2.55 -2.42
N ARG A 19 1.61 3.04 -1.52
CA ARG A 19 2.09 2.23 -0.41
C ARG A 19 0.94 1.85 0.53
N HIS A 20 0.00 2.77 0.69
CA HIS A 20 -1.14 2.54 1.58
C HIS A 20 -1.96 1.33 1.15
N VAL A 21 -2.12 1.16 -0.15
CA VAL A 21 -2.89 0.04 -0.69
C VAL A 21 -2.02 -1.22 -0.74
N HIS A 22 -0.71 -1.03 -0.81
CA HIS A 22 0.22 -2.16 -0.88
C HIS A 22 0.23 -2.93 0.43
N ASP A 23 0.06 -2.22 1.54
CA ASP A 23 0.08 -2.86 2.85
C ASP A 23 -1.11 -3.80 3.01
N GLU A 24 -2.14 -3.58 2.19
CA GLU A 24 -3.35 -4.39 2.22
C GLU A 24 -3.01 -5.85 1.89
N GLU A 25 -1.94 -6.04 1.14
CA GLU A 25 -1.52 -7.38 0.74
C GLU A 25 -1.33 -8.26 1.98
N VAL A 26 -0.81 -7.67 3.04
CA VAL A 26 -0.59 -8.42 4.28
C VAL A 26 -1.92 -8.95 4.82
N GLU A 27 -2.98 -8.17 4.62
CA GLU A 27 -4.30 -8.57 5.11
C GLU A 27 -4.78 -9.82 4.38
N LEU A 28 -4.57 -9.83 3.07
CA LEU A 28 -4.98 -10.97 2.26
C LEU A 28 -4.21 -12.23 2.65
N GLU A 29 -2.93 -12.05 2.97
CA GLU A 29 -2.10 -13.18 3.35
C GLU A 29 -2.61 -13.81 4.65
N ARG A 30 -3.00 -12.95 5.59
CA ARG A 30 -3.51 -13.43 6.87
C ARG A 30 -4.75 -14.29 6.67
N LEU A 31 -5.63 -13.83 5.80
CA LEU A 31 -6.86 -14.56 5.53
C LEU A 31 -6.55 -15.92 4.95
N LYS A 32 -5.63 -15.95 4.00
CA LYS A 32 -5.25 -17.21 3.36
C LYS A 32 -4.65 -18.15 4.38
N ASN A 33 -3.89 -17.60 5.32
CA ASN A 33 -3.26 -18.41 6.36
C ASN A 33 -4.29 -19.12 7.21
N GLU A 34 -5.36 -18.41 7.56
CA GLU A 34 -6.42 -18.98 8.38
C GLU A 34 -7.06 -20.15 7.64
N ARG A 35 -7.31 -19.97 6.34
CA ARG A 35 -7.92 -21.02 5.55
C ARG A 35 -6.98 -22.21 5.44
N HIS A 36 -5.69 -21.95 5.29
CA HIS A 36 -4.70 -23.01 5.18
C HIS A 36 -4.55 -23.75 6.51
N ASP A 37 -4.60 -23.00 7.60
CA ASP A 37 -4.47 -23.58 8.93
C ASP A 37 -5.69 -24.44 9.27
N HIS A 38 -6.87 -23.99 8.83
CA HIS A 38 -8.11 -24.71 9.10
C HIS A 38 -8.43 -25.67 7.97
N ASP A 39 -7.65 -25.60 6.90
CA ASP A 39 -7.86 -26.47 5.75
C ASP A 39 -9.25 -26.25 5.16
N TYR A 40 -9.70 -25.00 5.15
CA TYR A 40 -11.02 -24.67 4.62
C TYR A 40 -11.13 -23.17 4.36
N GLY A 1 7.55 25.28 -10.63
CA GLY A 1 8.17 26.27 -11.56
C GLY A 1 7.16 27.37 -11.88
N SER A 2 6.49 27.86 -10.84
CA SER A 2 5.50 28.93 -11.03
C SER A 2 4.31 28.41 -11.83
N VAL A 3 4.53 28.18 -13.12
CA VAL A 3 3.47 27.69 -13.99
C VAL A 3 3.25 26.19 -13.77
N LYS A 4 3.85 25.65 -12.72
CA LYS A 4 3.70 24.24 -12.40
C LYS A 4 2.22 23.88 -12.20
N LYS A 5 1.84 22.68 -12.64
CA LYS A 5 0.45 22.22 -12.51
C LYS A 5 0.32 21.29 -11.30
N LEU A 6 1.20 21.49 -10.31
CA LEU A 6 1.16 20.68 -9.11
C LEU A 6 1.42 19.21 -9.45
N ASN A 7 2.28 18.99 -10.44
CA ASN A 7 2.61 17.63 -10.86
C ASN A 7 3.34 16.90 -9.75
N ASP A 8 3.99 17.66 -8.87
CA ASP A 8 4.71 17.06 -7.76
C ASP A 8 3.74 16.60 -6.66
N GLU A 9 2.71 17.41 -6.42
CA GLU A 9 1.71 17.10 -5.39
C GLU A 9 0.95 15.82 -5.73
N VAL A 10 0.61 15.64 -7.01
CA VAL A 10 -0.12 14.45 -7.43
C VAL A 10 0.82 13.25 -7.48
N ALA A 11 2.05 13.48 -7.92
CA ALA A 11 3.02 12.39 -8.00
C ALA A 11 3.29 11.82 -6.62
N LEU A 12 3.44 12.70 -5.63
CA LEU A 12 3.68 12.26 -4.26
C LEU A 12 2.47 11.52 -3.70
N GLU A 13 1.27 12.00 -4.05
CA GLU A 13 0.05 11.38 -3.57
C GLU A 13 -0.06 9.94 -4.07
N ARG A 14 0.28 9.74 -5.34
CA ARG A 14 0.22 8.42 -5.95
C ARG A 14 1.19 7.47 -5.24
N LEU A 15 2.37 7.98 -4.92
CA LEU A 15 3.37 7.16 -4.24
C LEU A 15 2.86 6.73 -2.85
N LYS A 16 2.14 7.64 -2.17
CA LYS A 16 1.60 7.33 -0.84
C LYS A 16 0.47 6.29 -0.95
N ASN A 17 -0.33 6.41 -2.01
CA ASN A 17 -1.44 5.48 -2.22
C ASN A 17 -0.91 4.07 -2.37
N GLU A 18 0.25 3.95 -2.99
CA GLU A 18 0.86 2.64 -3.19
C GLU A 18 1.09 1.95 -1.84
N ARG A 19 1.49 2.74 -0.84
CA ARG A 19 1.73 2.19 0.49
C ARG A 19 0.46 1.57 1.05
N HIS A 20 -0.65 2.28 0.91
CA HIS A 20 -1.93 1.78 1.41
C HIS A 20 -2.33 0.49 0.69
N VAL A 21 -2.10 0.45 -0.62
CA VAL A 21 -2.43 -0.72 -1.41
C VAL A 21 -1.61 -1.92 -0.94
N HIS A 22 -0.32 -1.70 -0.73
CA HIS A 22 0.57 -2.78 -0.29
C HIS A 22 0.12 -3.30 1.08
N ASP A 23 -0.32 -2.39 1.95
CA ASP A 23 -0.77 -2.79 3.27
C ASP A 23 -1.96 -3.74 3.17
N GLU A 24 -2.88 -3.44 2.25
CA GLU A 24 -4.05 -4.28 2.07
C GLU A 24 -3.65 -5.69 1.59
N GLU A 25 -2.67 -5.75 0.70
CA GLU A 25 -2.18 -7.04 0.18
C GLU A 25 -1.61 -7.90 1.32
N VAL A 26 -0.91 -7.27 2.26
CA VAL A 26 -0.33 -8.01 3.39
C VAL A 26 -1.45 -8.56 4.29
N GLU A 27 -2.47 -7.74 4.50
CA GLU A 27 -3.60 -8.16 5.35
C GLU A 27 -4.31 -9.37 4.74
N LEU A 28 -4.45 -9.37 3.42
CA LEU A 28 -5.11 -10.48 2.73
C LEU A 28 -4.28 -11.77 2.86
N GLU A 29 -2.96 -11.63 2.80
CA GLU A 29 -2.07 -12.79 2.93
C GLU A 29 -2.24 -13.44 4.30
N ARG A 30 -2.35 -12.62 5.33
CA ARG A 30 -2.52 -13.13 6.69
C ARG A 30 -3.83 -13.91 6.82
N LEU A 31 -4.88 -13.39 6.20
CA LEU A 31 -6.19 -14.05 6.25
C LEU A 31 -6.14 -15.42 5.58
N LYS A 32 -5.35 -15.53 4.51
CA LYS A 32 -5.22 -16.79 3.79
C LYS A 32 -4.70 -17.90 4.70
N ASN A 33 -4.05 -17.51 5.79
CA ASN A 33 -3.51 -18.50 6.73
C ASN A 33 -4.65 -19.33 7.32
N GLU A 34 -5.77 -18.68 7.61
CA GLU A 34 -6.92 -19.38 8.18
C GLU A 34 -7.41 -20.46 7.23
N ARG A 35 -7.48 -20.13 5.94
CA ARG A 35 -7.94 -21.11 4.96
C ARG A 35 -6.96 -22.28 4.89
N HIS A 36 -5.67 -21.99 5.04
CA HIS A 36 -4.66 -23.04 4.99
C HIS A 36 -4.86 -24.05 6.13
N ASP A 37 -5.22 -23.55 7.32
CA ASP A 37 -5.44 -24.43 8.47
C ASP A 37 -6.87 -24.95 8.49
N HIS A 38 -7.73 -24.37 7.64
CA HIS A 38 -9.13 -24.78 7.56
C HIS A 38 -9.44 -25.41 6.21
N ASP A 39 -8.40 -25.90 5.55
CA ASP A 39 -8.57 -26.53 4.24
C ASP A 39 -9.05 -27.97 4.41
N TYR A 40 -9.24 -28.38 5.66
CA TYR A 40 -9.70 -29.74 5.95
C TYR A 40 -11.02 -30.00 5.24
N GLY A 1 14.65 30.18 -10.31
CA GLY A 1 13.50 30.87 -10.96
C GLY A 1 12.22 30.07 -10.70
N SER A 2 11.16 30.42 -11.41
CA SER A 2 9.89 29.73 -11.24
C SER A 2 10.00 28.29 -11.76
N VAL A 3 9.42 27.36 -11.01
CA VAL A 3 9.45 25.94 -11.39
C VAL A 3 8.10 25.28 -11.09
N LYS A 4 8.02 23.96 -11.23
CA LYS A 4 6.79 23.22 -10.96
C LYS A 4 6.96 22.30 -9.77
N LYS A 5 6.33 22.64 -8.65
CA LYS A 5 6.41 21.84 -7.43
C LYS A 5 5.24 20.87 -7.37
N LEU A 6 4.31 21.01 -8.32
CA LEU A 6 3.13 20.14 -8.37
C LEU A 6 3.57 18.70 -8.58
N ASN A 7 4.51 18.49 -9.49
CA ASN A 7 4.99 17.15 -9.79
C ASN A 7 5.59 16.51 -8.54
N ASP A 8 6.31 17.30 -7.76
CA ASP A 8 6.92 16.80 -6.55
C ASP A 8 5.85 16.29 -5.58
N GLU A 9 4.78 17.08 -5.42
CA GLU A 9 3.69 16.70 -4.53
C GLU A 9 3.01 15.44 -5.04
N VAL A 10 2.86 15.32 -6.36
CA VAL A 10 2.24 14.17 -6.95
C VAL A 10 3.09 12.93 -6.72
N ALA A 11 4.42 13.08 -6.79
CA ALA A 11 5.32 11.94 -6.59
C ALA A 11 5.14 11.36 -5.19
N LEU A 12 5.04 12.23 -4.19
CA LEU A 12 4.87 11.78 -2.82
C LEU A 12 3.51 11.10 -2.63
N GLU A 13 2.48 11.63 -3.29
CA GLU A 13 1.14 11.07 -3.17
C GLU A 13 1.11 9.65 -3.76
N ARG A 14 1.80 9.47 -4.88
CA ARG A 14 1.83 8.16 -5.54
C ARG A 14 2.48 7.13 -4.62
N LEU A 15 3.56 7.53 -3.95
CA LEU A 15 4.26 6.63 -3.05
C LEU A 15 3.33 6.19 -1.92
N LYS A 16 2.48 7.10 -1.47
CA LYS A 16 1.53 6.80 -0.40
C LYS A 16 0.55 5.73 -0.86
N ASN A 17 0.12 5.82 -2.13
CA ASN A 17 -0.83 4.84 -2.66
C ASN A 17 -0.20 3.45 -2.68
N GLU A 18 1.07 3.39 -3.01
CA GLU A 18 1.78 2.10 -3.07
C GLU A 18 1.80 1.45 -1.69
N ARG A 19 2.10 2.25 -0.67
CA ARG A 19 2.16 1.73 0.69
C ARG A 19 0.79 1.21 1.13
N HIS A 20 -0.25 1.95 0.79
CA HIS A 20 -1.61 1.55 1.15
C HIS A 20 -1.97 0.20 0.52
N VAL A 21 -1.62 0.03 -0.75
CA VAL A 21 -1.89 -1.21 -1.45
C VAL A 21 -1.15 -2.36 -0.78
N HIS A 22 0.11 -2.14 -0.43
CA HIS A 22 0.91 -3.17 0.21
C HIS A 22 0.27 -3.60 1.53
N ASP A 23 -0.23 -2.64 2.30
CA ASP A 23 -0.85 -2.96 3.58
C ASP A 23 -2.08 -3.84 3.37
N GLU A 24 -2.87 -3.52 2.34
CA GLU A 24 -4.07 -4.30 2.04
C GLU A 24 -3.69 -5.72 1.59
N GLU A 25 -2.62 -5.81 0.80
CA GLU A 25 -2.17 -7.11 0.31
C GLU A 25 -1.76 -8.03 1.47
N VAL A 26 -1.15 -7.45 2.49
CA VAL A 26 -0.73 -8.22 3.66
C VAL A 26 -1.95 -8.73 4.43
N GLU A 27 -2.97 -7.89 4.55
CA GLU A 27 -4.17 -8.27 5.28
C GLU A 27 -4.83 -9.49 4.64
N LEU A 28 -4.93 -9.49 3.32
CA LEU A 28 -5.53 -10.63 2.62
C LEU A 28 -4.61 -11.84 2.72
N GLU A 29 -3.30 -11.61 2.70
CA GLU A 29 -2.35 -12.71 2.81
C GLU A 29 -2.53 -13.41 4.15
N ARG A 30 -2.71 -12.62 5.20
CA ARG A 30 -2.89 -13.17 6.53
C ARG A 30 -4.17 -14.00 6.60
N LEU A 31 -5.23 -13.49 5.96
CA LEU A 31 -6.51 -14.19 5.95
C LEU A 31 -6.37 -15.55 5.27
N LYS A 32 -5.70 -15.55 4.12
CA LYS A 32 -5.50 -16.79 3.38
C LYS A 32 -4.73 -17.80 4.23
N ASN A 33 -3.78 -17.30 5.01
CA ASN A 33 -2.99 -18.17 5.87
C ASN A 33 -3.88 -18.89 6.87
N GLU A 34 -4.87 -18.17 7.42
CA GLU A 34 -5.77 -18.76 8.40
C GLU A 34 -6.54 -19.92 7.76
N ARG A 35 -7.05 -19.71 6.55
CA ARG A 35 -7.79 -20.77 5.87
C ARG A 35 -6.84 -21.93 5.53
N HIS A 36 -5.61 -21.59 5.14
CA HIS A 36 -4.63 -22.61 4.78
C HIS A 36 -4.31 -23.52 5.98
N ASP A 37 -4.19 -22.94 7.18
CA ASP A 37 -3.87 -23.71 8.37
C ASP A 37 -5.13 -24.25 9.03
N HIS A 38 -6.29 -23.82 8.52
CA HIS A 38 -7.58 -24.25 9.07
C HIS A 38 -8.27 -25.23 8.11
N ASP A 39 -7.48 -25.79 7.19
CA ASP A 39 -8.02 -26.75 6.24
C ASP A 39 -9.34 -26.24 5.66
N TYR A 40 -9.51 -24.93 5.63
CA TYR A 40 -10.73 -24.33 5.12
C TYR A 40 -11.94 -24.88 5.86
N GLY A 1 15.07 27.14 -7.42
CA GLY A 1 14.55 28.49 -7.07
C GLY A 1 13.25 28.36 -6.30
N SER A 2 13.37 27.96 -5.03
CA SER A 2 12.19 27.78 -4.18
C SER A 2 11.21 26.79 -4.81
N VAL A 3 11.74 25.72 -5.40
CA VAL A 3 10.91 24.69 -6.03
C VAL A 3 11.04 23.36 -5.27
N LYS A 4 12.12 23.24 -4.51
CA LYS A 4 12.38 22.02 -3.74
C LYS A 4 11.33 21.88 -2.64
N LYS A 5 10.12 21.53 -3.03
CA LYS A 5 9.03 21.37 -2.08
C LYS A 5 7.83 20.72 -2.75
N LEU A 6 7.59 21.08 -4.01
CA LEU A 6 6.45 20.54 -4.74
C LEU A 6 6.62 19.03 -4.93
N ASN A 7 7.82 18.61 -5.29
CA ASN A 7 8.10 17.20 -5.50
C ASN A 7 7.99 16.44 -4.19
N ASP A 8 8.37 17.09 -3.09
CA ASP A 8 8.30 16.47 -1.79
C ASP A 8 6.86 16.12 -1.44
N GLU A 9 5.95 17.03 -1.75
CA GLU A 9 4.54 16.79 -1.47
C GLU A 9 4.00 15.64 -2.32
N VAL A 10 4.44 15.57 -3.59
CA VAL A 10 4.01 14.52 -4.46
C VAL A 10 4.58 13.17 -3.99
N ALA A 11 5.84 13.18 -3.54
CA ALA A 11 6.46 11.94 -3.07
C ALA A 11 5.71 11.38 -1.86
N LEU A 12 5.31 12.26 -0.95
CA LEU A 12 4.59 11.82 0.24
C LEU A 12 3.24 11.19 -0.14
N GLU A 13 2.56 11.78 -1.14
CA GLU A 13 1.27 11.26 -1.58
C GLU A 13 1.43 9.86 -2.15
N ARG A 14 2.48 9.66 -2.95
CA ARG A 14 2.74 8.36 -3.55
C ARG A 14 3.10 7.34 -2.48
N LEU A 15 3.86 7.79 -1.48
CA LEU A 15 4.27 6.90 -0.40
C LEU A 15 3.04 6.34 0.33
N LYS A 16 2.04 7.18 0.56
CA LYS A 16 0.82 6.73 1.24
C LYS A 16 0.04 5.77 0.36
N ASN A 17 0.01 6.04 -0.95
CA ASN A 17 -0.73 5.19 -1.88
C ASN A 17 -0.14 3.79 -1.90
N GLU A 18 1.19 3.71 -1.88
CA GLU A 18 1.86 2.41 -1.90
C GLU A 18 1.62 1.67 -0.59
N ARG A 19 1.65 2.41 0.51
CA ARG A 19 1.44 1.82 1.83
C ARG A 19 0.06 1.18 1.92
N HIS A 20 -0.95 1.89 1.43
CA HIS A 20 -2.31 1.39 1.46
C HIS A 20 -2.43 0.09 0.67
N VAL A 21 -1.87 0.07 -0.54
CA VAL A 21 -1.91 -1.10 -1.38
C VAL A 21 -1.15 -2.25 -0.71
N HIS A 22 0.04 -1.95 -0.21
CA HIS A 22 0.85 -2.97 0.45
C HIS A 22 0.14 -3.50 1.69
N ASP A 23 -0.50 -2.61 2.44
CA ASP A 23 -1.21 -3.03 3.65
C ASP A 23 -2.34 -3.99 3.30
N GLU A 24 -3.06 -3.70 2.23
CA GLU A 24 -4.18 -4.56 1.82
C GLU A 24 -3.66 -5.95 1.45
N GLU A 25 -2.51 -6.00 0.78
CA GLU A 25 -1.92 -7.28 0.37
C GLU A 25 -1.56 -8.12 1.60
N VAL A 26 -1.04 -7.47 2.65
CA VAL A 26 -0.68 -8.20 3.87
C VAL A 26 -1.92 -8.78 4.54
N GLU A 27 -2.98 -7.98 4.61
CA GLU A 27 -4.21 -8.44 5.25
C GLU A 27 -4.82 -9.61 4.47
N LEU A 28 -4.81 -9.52 3.15
CA LEU A 28 -5.34 -10.58 2.33
C LEU A 28 -4.49 -11.86 2.48
N GLU A 29 -3.17 -11.70 2.52
CA GLU A 29 -2.29 -12.85 2.66
C GLU A 29 -2.51 -13.55 4.00
N ARG A 30 -2.67 -12.75 5.06
CA ARG A 30 -2.89 -13.28 6.40
C ARG A 30 -4.19 -14.08 6.47
N LEU A 31 -5.23 -13.57 5.83
CA LEU A 31 -6.52 -14.25 5.83
C LEU A 31 -6.39 -15.62 5.16
N LYS A 32 -5.68 -15.66 4.04
CA LYS A 32 -5.48 -16.92 3.34
C LYS A 32 -4.65 -17.88 4.20
N ASN A 33 -3.66 -17.35 4.90
CA ASN A 33 -2.82 -18.19 5.74
C ASN A 33 -3.63 -18.87 6.83
N GLU A 34 -4.51 -18.10 7.48
CA GLU A 34 -5.34 -18.66 8.54
C GLU A 34 -6.29 -19.71 7.98
N ARG A 35 -6.95 -19.38 6.88
CA ARG A 35 -7.88 -20.32 6.26
C ARG A 35 -7.13 -21.55 5.75
N HIS A 36 -5.94 -21.32 5.19
CA HIS A 36 -5.13 -22.41 4.68
C HIS A 36 -4.69 -23.35 5.80
N ASP A 37 -4.31 -22.77 6.95
CA ASP A 37 -3.87 -23.57 8.09
C ASP A 37 -5.06 -24.25 8.77
N HIS A 38 -6.24 -23.62 8.68
CA HIS A 38 -7.44 -24.18 9.30
C HIS A 38 -8.26 -24.98 8.29
N ASP A 39 -7.77 -25.01 7.04
CA ASP A 39 -8.46 -25.75 5.99
C ASP A 39 -9.93 -25.30 5.88
N TYR A 40 -10.16 -24.00 6.01
CA TYR A 40 -11.52 -23.46 5.93
C TYR A 40 -11.51 -22.05 5.36
#